data_5JBI
#
_entry.id   5JBI
#
_cell.length_a   51.657
_cell.length_b   56.397
_cell.length_c   85.919
_cell.angle_alpha   103.60
_cell.angle_beta   102.96
_cell.angle_gamma   100.46
#
_symmetry.space_group_name_H-M   'P 1'
#
loop_
_entity.id
_entity.type
_entity.pdbx_description
1 polymer '1-deoxy-D-xylulose 5-phosphate reductoisomerase, apicoplastic'
2 non-polymer '[(2R)-2-{2-[hydroxy(methyl)amino]-2-oxoethyl}-5-(4-methoxyphenyl)pentyl]phosphonic acid'
3 non-polymer 'MANGANESE (II) ION'
4 non-polymer GLYCEROL
5 non-polymer 1,2-ETHANEDIOL
6 water water
#
_entity_poly.entity_id   1
_entity_poly.type   'polypeptide(L)'
_entity_poly.pdbx_seq_one_letter_code
;MAHHHHHHKKPINVAIFGSTGSIGTNALNIIRECNKIENVFNVKALYVNKSVNELYEQAREFLPEYLCIHDKSVYEELKE
LVKNIKDYKPIILCGDEGMKEICSSNSIDKIVIGIDSFQGLYSTMYAIMNNKIVALANKESIVSAGFFLKKLLNIHKNAK
IIPVDSEHSAIFQCLDNNKVLKTKCLQDNFSKINNINKIFLCSSGGPFQNLTMDELKNVTSENALKHPKWKMGKKITIDS
ATMMNKGLEVIETHFLFDVDYNDIEVIVHKECIIHSCVEFIDKSVISQMYYPDMQIPILYSLTWPDRIKTNLKPLDLAQV
STLTFHKPSLEHFPCIKLAYQAGIKGNFYPTVLNASNEIANNLFLNNKIKYFDISSIISQVLESFNSQKVSENSEDLMKQ
ILQIHSWAKDKATDIYNKHNSS
;
_entity_poly.pdbx_strand_id   A,B
#
loop_
_chem_comp.id
_chem_comp.type
_chem_comp.name
_chem_comp.formula
6J8 non-polymer '[(2R)-2-{2-[hydroxy(methyl)amino]-2-oxoethyl}-5-(4-methoxyphenyl)pentyl]phosphonic acid' 'C15 H24 N O6 P'
EDO non-polymer 1,2-ETHANEDIOL 'C2 H6 O2'
GOL non-polymer GLYCEROL 'C3 H8 O3'
MN non-polymer 'MANGANESE (II) ION' 'Mn 2'
#
# COMPACT_ATOMS: atom_id res chain seq x y z
N PRO A 11 19.77 19.03 -3.77
CA PRO A 11 18.50 19.69 -3.45
C PRO A 11 17.49 19.62 -4.59
N ILE A 12 16.21 19.67 -4.24
CA ILE A 12 15.12 19.58 -5.22
C ILE A 12 14.75 21.00 -5.65
N ASN A 13 15.02 21.34 -6.91
CA ASN A 13 14.74 22.66 -7.47
C ASN A 13 13.34 22.70 -8.06
N VAL A 14 12.45 23.49 -7.46
N VAL A 14 12.45 23.49 -7.43
CA VAL A 14 11.03 23.46 -7.80
CA VAL A 14 11.02 23.51 -7.72
C VAL A 14 10.47 24.83 -8.19
C VAL A 14 10.56 24.87 -8.28
N ALA A 15 9.63 24.84 -9.23
CA ALA A 15 8.88 26.03 -9.63
C ALA A 15 7.42 25.81 -9.27
N ILE A 16 6.76 26.87 -8.80
CA ILE A 16 5.35 26.83 -8.41
C ILE A 16 4.56 27.76 -9.34
N PHE A 17 3.71 27.16 -10.19
CA PHE A 17 2.83 27.91 -11.10
C PHE A 17 1.44 28.04 -10.49
N GLY A 18 1.04 29.28 -10.21
CA GLY A 18 -0.18 29.58 -9.45
C GLY A 18 0.10 29.55 -7.96
N SER A 19 1.16 30.23 -7.53
CA SER A 19 1.62 30.12 -6.13
C SER A 19 0.68 30.71 -5.06
N THR A 20 -0.30 31.53 -5.46
CA THR A 20 -1.28 32.07 -4.50
C THR A 20 -2.63 31.34 -4.48
N GLY A 21 -2.82 30.37 -5.37
CA GLY A 21 -3.96 29.47 -5.32
C GLY A 21 -3.85 28.39 -4.24
N SER A 22 -4.85 27.52 -4.17
CA SER A 22 -4.92 26.52 -3.09
C SER A 22 -3.75 25.53 -3.13
N ILE A 23 -3.49 24.98 -4.32
CA ILE A 23 -2.41 24.00 -4.48
C ILE A 23 -1.05 24.67 -4.21
N GLY A 24 -0.87 25.86 -4.77
CA GLY A 24 0.35 26.62 -4.63
C GLY A 24 0.66 26.96 -3.18
N THR A 25 -0.34 27.45 -2.45
CA THR A 25 -0.13 27.82 -1.04
C THR A 25 0.13 26.58 -0.19
N ASN A 26 -0.60 25.49 -0.44
CA ASN A 26 -0.33 24.20 0.24
C ASN A 26 1.07 23.69 -0.07
N ALA A 27 1.51 23.84 -1.32
CA ALA A 27 2.86 23.43 -1.74
C ALA A 27 3.93 24.21 -0.98
N LEU A 28 3.78 25.53 -0.92
CA LEU A 28 4.76 26.35 -0.21
C LEU A 28 4.75 26.07 1.30
N ASN A 29 3.58 25.79 1.87
CA ASN A 29 3.49 25.47 3.31
C ASN A 29 4.22 24.19 3.68
N ILE A 30 4.06 23.14 2.88
CA ILE A 30 4.74 21.88 3.16
C ILE A 30 6.24 21.98 2.87
N ILE A 31 6.62 22.72 1.83
CA ILE A 31 8.04 23.02 1.56
C ILE A 31 8.67 23.74 2.77
N ARG A 32 7.98 24.75 3.27
CA ARG A 32 8.48 25.49 4.44
C ARG A 32 8.71 24.55 5.62
N GLU A 33 7.72 23.73 5.93
CA GLU A 33 7.80 22.85 7.10
C GLU A 33 8.87 21.78 6.94
N CYS A 34 8.94 21.16 5.77
CA CYS A 34 9.99 20.17 5.49
C CYS A 34 11.40 20.77 5.54
N ASN A 35 11.56 22.00 5.02
CA ASN A 35 12.86 22.67 5.02
C ASN A 35 13.38 22.98 6.43
N LYS A 36 12.47 23.19 7.38
CA LYS A 36 12.84 23.34 8.81
C LYS A 36 13.50 22.10 9.39
N ILE A 37 13.09 20.94 8.91
CA ILE A 37 13.62 19.65 9.35
C ILE A 37 14.96 19.35 8.69
N GLU A 38 15.02 19.56 7.39
CA GLU A 38 16.25 19.37 6.61
C GLU A 38 16.15 20.20 5.35
N ASN A 39 17.25 20.86 4.97
CA ASN A 39 17.23 21.65 3.73
C ASN A 39 17.15 20.74 2.49
N VAL A 40 15.93 20.61 1.98
CA VAL A 40 15.61 19.69 0.88
C VAL A 40 15.25 20.46 -0.40
N PHE A 41 14.45 21.52 -0.28
CA PHE A 41 13.87 22.21 -1.43
C PHE A 41 14.48 23.58 -1.66
N ASN A 42 14.77 23.88 -2.92
CA ASN A 42 15.06 25.23 -3.38
C ASN A 42 13.90 25.66 -4.25
N VAL A 43 13.15 26.67 -3.81
CA VAL A 43 12.08 27.25 -4.61
C VAL A 43 12.72 28.21 -5.63
N LYS A 44 12.80 27.77 -6.88
CA LYS A 44 13.50 28.52 -7.93
C LYS A 44 12.64 29.57 -8.64
N ALA A 45 11.33 29.32 -8.72
CA ALA A 45 10.44 30.20 -9.45
C ALA A 45 9.04 30.24 -8.87
N LEU A 46 8.45 31.43 -8.86
CA LEU A 46 7.06 31.63 -8.51
C LEU A 46 6.35 32.37 -9.64
N TYR A 47 5.11 31.95 -9.94
CA TYR A 47 4.31 32.50 -11.02
C TYR A 47 2.87 32.67 -10.55
N VAL A 48 2.33 33.89 -10.68
CA VAL A 48 0.93 34.20 -10.31
C VAL A 48 0.24 34.96 -11.44
N ASN A 49 -1.08 35.12 -11.34
CA ASN A 49 -1.84 35.90 -12.31
C ASN A 49 -1.61 37.41 -12.07
N LYS A 50 -2.12 37.93 -10.95
CA LYS A 50 -2.13 39.38 -10.66
C LYS A 50 -1.97 39.79 -9.18
N SER A 51 -1.58 38.86 -8.31
CA SER A 51 -1.51 39.10 -6.86
C SER A 51 -0.11 39.55 -6.48
N VAL A 52 0.20 40.81 -6.82
CA VAL A 52 1.54 41.40 -6.56
C VAL A 52 2.01 41.40 -5.11
N ASN A 53 1.12 41.78 -4.20
CA ASN A 53 1.48 41.87 -2.78
C ASN A 53 1.75 40.50 -2.18
N GLU A 54 0.95 39.51 -2.58
CA GLU A 54 1.11 38.13 -2.12
C GLU A 54 2.39 37.53 -2.70
N LEU A 55 2.63 37.76 -4.00
CA LEU A 55 3.89 37.35 -4.63
C LEU A 55 5.13 37.96 -3.97
N TYR A 56 5.06 39.27 -3.67
CA TYR A 56 6.15 39.96 -2.95
C TYR A 56 6.46 39.29 -1.60
N GLU A 57 5.42 38.99 -0.84
CA GLU A 57 5.57 38.35 0.47
C GLU A 57 6.18 36.94 0.34
N GLN A 58 5.78 36.21 -0.70
CA GLN A 58 6.39 34.91 -0.99
C GLN A 58 7.86 35.03 -1.38
N ALA A 59 8.16 36.00 -2.25
CA ALA A 59 9.55 36.24 -2.68
C ALA A 59 10.44 36.63 -1.51
N ARG A 60 9.90 37.39 -0.55
CA ARG A 60 10.64 37.78 0.66
C ARG A 60 11.05 36.58 1.53
N GLU A 61 10.18 35.56 1.59
CA GLU A 61 10.49 34.33 2.34
C GLU A 61 11.38 33.35 1.56
N PHE A 62 10.95 32.98 0.35
CA PHE A 62 11.57 31.87 -0.41
C PHE A 62 12.71 32.28 -1.34
N LEU A 63 12.80 33.57 -1.66
CA LEU A 63 13.92 34.14 -2.44
C LEU A 63 14.21 33.41 -3.76
N PRO A 64 13.17 33.23 -4.60
CA PRO A 64 13.39 32.49 -5.84
C PRO A 64 14.20 33.28 -6.88
N GLU A 65 14.96 32.56 -7.70
CA GLU A 65 15.75 33.15 -8.78
C GLU A 65 14.85 33.83 -9.83
N TYR A 66 13.65 33.29 -10.03
CA TYR A 66 12.68 33.84 -10.97
C TYR A 66 11.39 34.26 -10.29
N LEU A 67 10.84 35.40 -10.72
CA LEU A 67 9.47 35.79 -10.41
C LEU A 67 8.78 36.08 -11.73
N CYS A 68 7.48 35.80 -11.80
CA CYS A 68 6.69 36.10 -12.99
C CYS A 68 5.26 36.41 -12.62
N ILE A 69 4.69 37.40 -13.29
CA ILE A 69 3.30 37.79 -13.06
C ILE A 69 2.63 37.93 -14.43
N HIS A 70 1.39 37.48 -14.55
CA HIS A 70 0.70 37.42 -15.84
C HIS A 70 0.20 38.80 -16.27
N ASP A 71 -0.56 39.45 -15.39
CA ASP A 71 -1.17 40.74 -15.67
C ASP A 71 -0.10 41.84 -15.75
N LYS A 72 0.00 42.48 -16.90
CA LYS A 72 1.05 43.47 -17.18
C LYS A 72 0.82 44.82 -16.50
N SER A 73 -0.43 45.10 -16.08
CA SER A 73 -0.75 46.36 -15.38
C SER A 73 -0.27 46.42 -13.92
N VAL A 74 0.18 45.29 -13.37
CA VAL A 74 0.80 45.27 -12.03
C VAL A 74 2.30 44.87 -12.05
N TYR A 75 2.89 44.80 -13.25
CA TYR A 75 4.29 44.39 -13.42
C TYR A 75 5.30 45.37 -12.80
N GLU A 76 5.14 46.66 -13.08
CA GLU A 76 6.09 47.68 -12.59
C GLU A 76 6.04 47.82 -11.06
N GLU A 77 4.85 47.67 -10.49
CA GLU A 77 4.67 47.59 -9.04
C GLU A 77 5.54 46.49 -8.41
N LEU A 78 5.63 45.32 -9.06
CA LEU A 78 6.46 44.20 -8.58
C LEU A 78 7.96 44.51 -8.58
N LYS A 79 8.45 45.21 -9.62
CA LYS A 79 9.85 45.67 -9.65
C LYS A 79 10.21 46.57 -8.46
N GLU A 80 9.33 47.52 -8.16
CA GLU A 80 9.54 48.47 -7.05
C GLU A 80 9.46 47.80 -5.68
N LEU A 81 8.54 46.84 -5.52
CA LEU A 81 8.39 46.10 -4.26
C LEU A 81 9.61 45.24 -3.92
N VAL A 82 10.13 44.48 -4.89
CA VAL A 82 11.25 43.57 -4.62
C VAL A 82 12.59 44.27 -4.36
N LYS A 83 12.70 45.56 -4.69
CA LYS A 83 13.86 46.38 -4.28
C LYS A 83 13.99 46.48 -2.74
N ASN A 84 12.86 46.36 -2.04
CA ASN A 84 12.83 46.33 -0.57
C ASN A 84 13.53 45.11 0.07
N ILE A 85 13.73 44.04 -0.71
CA ILE A 85 14.35 42.80 -0.20
C ILE A 85 15.88 42.89 -0.33
N LYS A 86 16.58 42.85 0.81
CA LYS A 86 18.03 42.93 0.84
C LYS A 86 18.70 41.64 0.35
N ASP A 87 19.87 41.78 -0.28
CA ASP A 87 20.71 40.66 -0.74
C ASP A 87 19.96 39.70 -1.70
N TYR A 88 19.30 40.27 -2.69
CA TYR A 88 18.38 39.52 -3.56
C TYR A 88 18.14 40.21 -4.89
N LYS A 89 18.70 39.66 -5.97
CA LYS A 89 18.53 40.20 -7.32
C LYS A 89 17.88 39.15 -8.24
N PRO A 90 16.53 39.06 -8.24
CA PRO A 90 15.82 38.07 -9.05
C PRO A 90 15.54 38.53 -10.48
N ILE A 91 15.29 37.55 -11.36
CA ILE A 91 14.88 37.80 -12.73
C ILE A 91 13.35 37.96 -12.72
N ILE A 92 12.84 39.12 -13.12
CA ILE A 92 11.42 39.47 -12.95
C ILE A 92 10.74 39.60 -14.31
N LEU A 93 9.79 38.70 -14.58
CA LEU A 93 9.26 38.48 -15.92
C LEU A 93 7.75 38.67 -15.96
N CYS A 94 7.20 38.66 -17.18
CA CYS A 94 5.79 38.99 -17.39
C CYS A 94 5.12 38.04 -18.39
N GLY A 95 3.84 37.76 -18.16
CA GLY A 95 2.97 37.09 -19.13
C GLY A 95 3.35 35.67 -19.51
N ASP A 96 2.80 35.21 -20.63
CA ASP A 96 3.12 33.89 -21.20
C ASP A 96 4.60 33.72 -21.57
N GLU A 97 5.28 34.81 -21.94
CA GLU A 97 6.71 34.76 -22.30
C GLU A 97 7.64 34.47 -21.11
N GLY A 98 7.31 35.00 -19.94
CA GLY A 98 8.06 34.70 -18.71
C GLY A 98 7.93 33.22 -18.32
N MET A 99 6.69 32.73 -18.38
CA MET A 99 6.38 31.32 -18.13
C MET A 99 7.26 30.39 -18.98
N LYS A 100 7.41 30.70 -20.27
CA LYS A 100 8.26 29.90 -21.16
C LYS A 100 9.74 29.91 -20.78
N GLU A 101 10.25 31.08 -20.36
CA GLU A 101 11.66 31.18 -19.95
C GLU A 101 11.91 30.38 -18.66
N ILE A 102 10.93 30.38 -17.75
CA ILE A 102 11.00 29.58 -16.52
C ILE A 102 11.07 28.08 -16.87
N CYS A 103 10.16 27.62 -17.72
CA CYS A 103 10.16 26.21 -18.16
C CYS A 103 11.45 25.78 -18.86
N SER A 104 12.08 26.68 -19.62
CA SER A 104 13.35 26.36 -20.30
C SER A 104 14.58 26.49 -19.40
N SER A 105 14.42 27.14 -18.25
CA SER A 105 15.53 27.31 -17.30
C SER A 105 16.11 25.98 -16.90
N ASN A 106 17.43 25.88 -16.97
CA ASN A 106 18.15 24.64 -16.63
C ASN A 106 18.34 24.44 -15.13
N SER A 107 18.06 25.45 -14.32
CA SER A 107 18.12 25.33 -12.87
C SER A 107 16.82 24.79 -12.24
N ILE A 108 15.80 24.47 -13.05
CA ILE A 108 14.53 23.94 -12.54
C ILE A 108 14.32 22.49 -12.98
N ASP A 109 14.00 21.64 -11.99
CA ASP A 109 13.79 20.21 -12.22
C ASP A 109 12.32 19.81 -12.24
N LYS A 110 11.53 20.40 -11.34
CA LYS A 110 10.13 20.02 -11.14
C LYS A 110 9.24 21.23 -11.11
N ILE A 111 8.06 21.13 -11.71
CA ILE A 111 7.12 22.24 -11.76
C ILE A 111 5.76 21.78 -11.27
N VAL A 112 5.24 22.49 -10.27
CA VAL A 112 3.90 22.27 -9.75
C VAL A 112 2.95 23.14 -10.55
N ILE A 113 2.01 22.51 -11.26
CA ILE A 113 0.99 23.22 -12.05
C ILE A 113 -0.28 23.36 -11.22
N GLY A 114 -0.46 24.52 -10.61
CA GLY A 114 -1.64 24.82 -9.81
C GLY A 114 -2.51 25.88 -10.47
N ILE A 115 -2.72 25.74 -11.79
CA ILE A 115 -3.51 26.67 -12.60
C ILE A 115 -4.64 25.86 -13.25
N ASP A 116 -5.82 26.46 -13.37
CA ASP A 116 -6.98 25.82 -14.00
C ASP A 116 -7.15 26.25 -15.47
N SER A 117 -8.04 25.54 -16.18
CA SER A 117 -8.45 25.87 -17.55
C SER A 117 -7.27 25.84 -18.56
N PHE A 118 -7.28 26.70 -19.58
CA PHE A 118 -6.29 26.67 -20.67
C PHE A 118 -4.86 26.97 -20.22
N GLN A 119 -4.68 27.97 -19.36
CA GLN A 119 -3.34 28.39 -18.91
C GLN A 119 -2.59 27.25 -18.19
N GLY A 120 -3.34 26.38 -17.52
CA GLY A 120 -2.78 25.18 -16.90
C GLY A 120 -2.24 24.21 -17.93
N LEU A 121 -3.04 23.96 -18.97
CA LEU A 121 -2.63 23.06 -20.07
C LEU A 121 -1.46 23.64 -20.85
N TYR A 122 -1.49 24.95 -21.12
CA TYR A 122 -0.44 25.61 -21.87
C TYR A 122 0.91 25.54 -21.14
N SER A 123 0.90 25.79 -19.83
CA SER A 123 2.12 25.69 -19.02
CA SER A 123 2.13 25.70 -19.03
C SER A 123 2.62 24.24 -18.92
N THR A 124 1.69 23.31 -18.75
CA THR A 124 2.01 21.86 -18.76
C THR A 124 2.73 21.46 -20.06
N MET A 125 2.16 21.89 -21.18
CA MET A 125 2.75 21.65 -22.51
C MET A 125 4.20 22.13 -22.55
N TYR A 126 4.43 23.37 -22.12
CA TYR A 126 5.80 23.90 -22.12
C TYR A 126 6.75 23.18 -21.15
N ALA A 127 6.26 22.81 -19.97
CA ALA A 127 7.08 22.03 -19.05
C ALA A 127 7.49 20.67 -19.65
N ILE A 128 6.55 20.00 -20.32
CA ILE A 128 6.84 18.72 -20.98
C ILE A 128 7.82 18.91 -22.15
N MET A 129 7.62 19.96 -22.94
CA MET A 129 8.53 20.24 -24.05
C MET A 129 9.97 20.43 -23.58
N ASN A 130 10.14 20.96 -22.36
CA ASN A 130 11.46 21.14 -21.74
C ASN A 130 11.90 19.98 -20.84
N ASN A 131 11.25 18.82 -21.00
CA ASN A 131 11.65 17.58 -20.33
C ASN A 131 11.68 17.61 -18.81
N LYS A 132 10.75 18.35 -18.22
CA LYS A 132 10.65 18.48 -16.76
C LYS A 132 9.74 17.43 -16.13
N ILE A 133 9.86 17.29 -14.82
CA ILE A 133 8.89 16.56 -14.01
C ILE A 133 7.77 17.55 -13.70
N VAL A 134 6.54 17.17 -14.04
CA VAL A 134 5.38 18.03 -13.89
C VAL A 134 4.45 17.45 -12.86
N ALA A 135 4.33 18.13 -11.71
CA ALA A 135 3.37 17.75 -10.67
C ALA A 135 2.03 18.40 -11.00
N LEU A 136 1.11 17.60 -11.52
CA LEU A 136 -0.09 18.12 -12.15
C LEU A 136 -1.33 17.96 -11.28
N ALA A 137 -1.91 19.09 -10.90
CA ALA A 137 -3.12 19.14 -10.08
C ALA A 137 -4.35 19.62 -10.85
N ASN A 138 -4.29 19.67 -12.17
CA ASN A 138 -5.42 20.09 -13.02
C ASN A 138 -6.00 18.87 -13.75
N LYS A 139 -7.01 18.24 -13.15
CA LYS A 139 -7.61 17.01 -13.71
C LYS A 139 -8.34 17.24 -15.04
N GLU A 140 -8.94 18.41 -15.19
CA GLU A 140 -9.65 18.74 -16.43
C GLU A 140 -8.76 18.72 -17.67
N SER A 141 -7.47 19.08 -17.54
CA SER A 141 -6.53 19.01 -18.67
C SER A 141 -6.23 17.57 -19.13
N ILE A 142 -6.13 16.64 -18.19
CA ILE A 142 -5.95 15.21 -18.51
C ILE A 142 -7.21 14.63 -19.20
N VAL A 143 -8.37 14.98 -18.68
CA VAL A 143 -9.64 14.52 -19.25
C VAL A 143 -9.86 15.09 -20.65
N SER A 144 -9.61 16.38 -20.80
CA SER A 144 -9.86 17.07 -22.06
C SER A 144 -8.81 16.79 -23.12
N ALA A 145 -7.55 16.76 -22.71
CA ALA A 145 -6.42 16.74 -23.66
C ALA A 145 -5.48 15.57 -23.47
N GLY A 146 -6.00 14.48 -22.88
CA GLY A 146 -5.23 13.27 -22.63
C GLY A 146 -4.46 12.76 -23.83
N PHE A 147 -5.10 12.75 -25.03
CA PHE A 147 -4.45 12.28 -26.27
C PHE A 147 -3.22 13.13 -26.62
N PHE A 148 -3.36 14.43 -26.47
CA PHE A 148 -2.29 15.37 -26.75
C PHE A 148 -1.14 15.17 -25.75
N LEU A 149 -1.46 15.03 -24.46
CA LEU A 149 -0.42 14.82 -23.43
C LEU A 149 0.32 13.51 -23.64
N LYS A 150 -0.42 12.45 -23.97
CA LYS A 150 0.19 11.16 -24.28
C LYS A 150 1.19 11.27 -25.44
N LYS A 151 0.78 11.92 -26.52
CA LYS A 151 1.65 12.09 -27.68
C LYS A 151 2.91 12.87 -27.32
N LEU A 152 2.72 13.99 -26.61
CA LEU A 152 3.82 14.85 -26.20
C LEU A 152 4.82 14.11 -25.29
N LEU A 153 4.31 13.28 -24.38
CA LEU A 153 5.16 12.47 -23.50
C LEU A 153 5.91 11.35 -24.22
N ASN A 154 5.36 10.86 -25.32
CA ASN A 154 6.10 9.91 -26.18
C ASN A 154 7.23 10.61 -26.95
N ILE A 155 7.06 11.87 -27.32
CA ILE A 155 8.09 12.66 -28.01
C ILE A 155 9.20 13.07 -27.03
N HIS A 156 8.80 13.62 -25.89
CA HIS A 156 9.75 14.14 -24.89
C HIS A 156 9.94 13.09 -23.80
N LYS A 157 10.90 12.21 -24.04
CA LYS A 157 10.99 10.95 -23.29
C LYS A 157 11.37 11.10 -21.84
N ASN A 158 12.10 12.17 -21.50
CA ASN A 158 12.47 12.43 -20.11
C ASN A 158 11.43 13.22 -19.31
N ALA A 159 10.41 13.76 -19.97
CA ALA A 159 9.33 14.46 -19.26
C ALA A 159 8.48 13.42 -18.54
N LYS A 160 7.93 13.80 -17.40
CA LYS A 160 7.04 12.94 -16.64
C LYS A 160 5.91 13.78 -16.04
N ILE A 161 4.70 13.22 -16.02
CA ILE A 161 3.60 13.75 -15.25
C ILE A 161 3.52 12.90 -13.99
N ILE A 162 3.48 13.55 -12.84
CA ILE A 162 3.29 12.89 -11.54
C ILE A 162 1.95 13.44 -10.99
N PRO A 163 0.99 12.56 -10.65
CA PRO A 163 -0.34 13.04 -10.27
C PRO A 163 -0.36 13.65 -8.85
N VAL A 164 -1.09 14.77 -8.72
CA VAL A 164 -1.29 15.46 -7.45
C VAL A 164 -2.73 15.27 -6.92
N ASP A 165 -3.71 15.08 -7.81
CA ASP A 165 -5.09 14.75 -7.38
C ASP A 165 -4.99 13.60 -6.34
N SER A 166 -5.67 13.76 -5.19
CA SER A 166 -5.41 12.89 -4.03
C SER A 166 -5.61 11.39 -4.29
N GLU A 167 -6.63 11.05 -5.07
CA GLU A 167 -6.94 9.65 -5.33
C GLU A 167 -5.85 9.07 -6.23
N HIS A 168 -5.36 9.89 -7.15
CA HIS A 168 -4.39 9.43 -8.13
C HIS A 168 -3.03 9.36 -7.51
N SER A 169 -2.73 10.29 -6.61
CA SER A 169 -1.51 10.21 -5.78
C SER A 169 -1.54 8.96 -4.90
N ALA A 170 -2.72 8.68 -4.32
CA ALA A 170 -2.87 7.47 -3.52
C ALA A 170 -2.56 6.21 -4.36
N ILE A 171 -3.14 6.12 -5.56
CA ILE A 171 -2.89 4.96 -6.45
C ILE A 171 -1.38 4.86 -6.72
N PHE A 172 -0.77 6.01 -7.06
CA PHE A 172 0.64 6.08 -7.40
C PHE A 172 1.54 5.60 -6.24
N GLN A 173 1.17 6.01 -5.02
CA GLN A 173 1.85 5.61 -3.80
C GLN A 173 1.72 4.10 -3.49
N CYS A 174 0.69 3.45 -4.03
CA CYS A 174 0.46 2.02 -3.85
C CYS A 174 1.25 1.13 -4.82
N LEU A 175 1.95 1.75 -5.77
CA LEU A 175 2.71 1.06 -6.79
C LEU A 175 4.16 0.87 -6.37
N ASP A 176 4.76 -0.23 -6.84
CA ASP A 176 6.17 -0.55 -6.59
C ASP A 176 7.05 0.29 -7.51
N ASN A 177 7.90 1.16 -6.94
CA ASN A 177 8.77 1.99 -7.77
C ASN A 177 9.81 1.22 -8.59
N ASN A 178 10.10 -0.01 -8.19
CA ASN A 178 10.94 -0.88 -9.00
C ASN A 178 10.27 -1.15 -10.36
N LYS A 179 8.93 -1.23 -10.38
CA LYS A 179 8.16 -1.32 -11.63
C LYS A 179 7.89 0.05 -12.24
N VAL A 180 7.50 1.04 -11.44
CA VAL A 180 7.16 2.37 -11.98
C VAL A 180 8.32 2.97 -12.78
N LEU A 181 9.53 2.81 -12.25
CA LEU A 181 10.74 3.34 -12.91
C LEU A 181 11.06 2.74 -14.28
N LYS A 182 10.44 1.60 -14.63
CA LYS A 182 10.54 1.01 -15.98
C LYS A 182 9.59 1.63 -17.02
N THR A 183 8.70 2.52 -16.57
CA THR A 183 7.66 3.09 -17.44
C THR A 183 7.43 4.54 -16.93
N LYS A 184 6.27 5.12 -17.20
CA LYS A 184 5.87 6.42 -16.62
C LYS A 184 4.40 6.63 -16.86
N CYS A 185 3.77 7.55 -16.12
CA CYS A 185 2.33 7.78 -16.26
C CYS A 185 1.96 8.23 -17.69
N LEU A 186 0.74 7.88 -18.09
CA LEU A 186 0.21 8.11 -19.44
C LEU A 186 0.84 7.27 -20.55
N GLN A 187 1.64 6.28 -20.21
CA GLN A 187 2.24 5.39 -21.21
C GLN A 187 1.33 4.21 -21.44
N ASP A 188 1.25 3.78 -22.70
CA ASP A 188 0.68 2.47 -23.00
C ASP A 188 1.43 1.41 -22.21
N ASN A 189 0.69 0.42 -21.71
CA ASN A 189 1.23 -0.73 -20.95
C ASN A 189 1.65 -0.44 -19.50
N PHE A 190 1.31 0.74 -18.99
CA PHE A 190 1.64 1.09 -17.61
C PHE A 190 1.09 0.05 -16.63
N SER A 191 -0.18 -0.33 -16.82
N SER A 191 -0.18 -0.34 -16.81
CA SER A 191 -0.85 -1.27 -15.92
CA SER A 191 -0.83 -1.27 -15.89
C SER A 191 -0.23 -2.65 -15.98
C SER A 191 -0.23 -2.67 -15.98
N LYS A 192 0.08 -3.12 -17.19
CA LYS A 192 0.78 -4.40 -17.40
C LYS A 192 2.15 -4.46 -16.69
N ILE A 193 2.97 -3.43 -16.86
CA ILE A 193 4.28 -3.37 -16.23
C ILE A 193 4.17 -3.36 -14.69
N ASN A 194 3.15 -2.68 -14.17
CA ASN A 194 2.92 -2.57 -12.73
C ASN A 194 2.04 -3.66 -12.11
N ASN A 195 1.61 -4.65 -12.90
CA ASN A 195 0.80 -5.78 -12.43
C ASN A 195 -0.55 -5.35 -11.84
N ILE A 196 -1.11 -4.25 -12.35
CA ILE A 196 -2.39 -3.72 -11.86
C ILE A 196 -3.51 -4.49 -12.51
N ASN A 197 -4.47 -4.92 -11.69
CA ASN A 197 -5.67 -5.60 -12.18
C ASN A 197 -6.89 -4.69 -12.17
N LYS A 198 -7.02 -3.88 -11.12
CA LYS A 198 -8.25 -3.13 -10.88
C LYS A 198 -7.97 -1.99 -9.89
N ILE A 199 -8.78 -0.92 -9.96
CA ILE A 199 -8.66 0.24 -9.07
C ILE A 199 -9.97 0.50 -8.31
N PHE A 200 -9.86 0.72 -7.00
CA PHE A 200 -10.93 1.27 -6.18
C PHE A 200 -10.68 2.76 -6.04
N LEU A 201 -11.56 3.57 -6.64
CA LEU A 201 -11.44 5.03 -6.62
C LEU A 201 -12.37 5.56 -5.52
N CYS A 202 -11.79 6.06 -4.44
CA CYS A 202 -12.56 6.44 -3.27
C CYS A 202 -13.19 7.82 -3.45
N SER A 203 -14.42 7.96 -2.96
CA SER A 203 -15.18 9.21 -3.02
C SER A 203 -15.76 9.51 -1.64
N SER A 204 -15.74 10.79 -1.26
CA SER A 204 -16.43 11.25 -0.07
C SER A 204 -17.94 11.01 -0.19
N GLY A 205 -18.44 11.08 -1.44
CA GLY A 205 -19.87 10.98 -1.72
C GLY A 205 -20.60 12.32 -1.75
N GLY A 206 -19.98 13.38 -1.26
CA GLY A 206 -20.58 14.70 -1.24
C GLY A 206 -21.72 14.78 -0.23
N PRO A 207 -22.47 15.89 -0.25
CA PRO A 207 -23.53 16.10 0.75
C PRO A 207 -24.86 15.36 0.54
N PHE A 208 -25.04 14.68 -0.62
CA PHE A 208 -26.37 14.16 -1.02
C PHE A 208 -26.58 12.64 -1.04
N GLN A 209 -25.71 11.85 -0.41
CA GLN A 209 -25.81 10.37 -0.46
C GLN A 209 -27.08 9.75 0.11
N ASN A 210 -27.69 10.43 1.08
CA ASN A 210 -28.87 9.86 1.74
C ASN A 210 -30.17 10.38 1.15
N LEU A 211 -30.08 11.28 0.17
CA LEU A 211 -31.27 11.95 -0.39
C LEU A 211 -32.00 11.06 -1.39
N THR A 212 -33.32 11.17 -1.38
CA THR A 212 -34.17 10.46 -2.33
C THR A 212 -34.11 11.17 -3.68
N MET A 213 -34.57 10.49 -4.72
CA MET A 213 -34.69 11.10 -6.05
C MET A 213 -35.54 12.36 -6.02
N ASP A 214 -36.64 12.34 -5.27
CA ASP A 214 -37.52 13.51 -5.20
C ASP A 214 -36.86 14.69 -4.48
N GLU A 215 -36.07 14.43 -3.44
CA GLU A 215 -35.29 15.47 -2.78
C GLU A 215 -34.17 16.00 -3.70
N LEU A 216 -33.50 15.11 -4.42
CA LEU A 216 -32.48 15.53 -5.38
C LEU A 216 -33.03 16.47 -6.45
N LYS A 217 -34.28 16.26 -6.87
CA LYS A 217 -34.91 17.13 -7.86
C LYS A 217 -34.79 18.61 -7.52
N ASN A 218 -34.90 18.96 -6.23
CA ASN A 218 -34.94 20.35 -5.79
C ASN A 218 -33.75 20.86 -4.97
N VAL A 219 -32.65 20.11 -4.91
CA VAL A 219 -31.46 20.65 -4.26
C VAL A 219 -30.92 21.87 -5.01
N THR A 220 -30.35 22.81 -4.27
CA THR A 220 -29.84 24.06 -4.79
C THR A 220 -28.35 24.12 -4.63
N SER A 221 -27.73 25.10 -5.26
CA SER A 221 -26.30 25.34 -5.09
C SER A 221 -25.94 25.70 -3.65
N GLU A 222 -26.81 26.44 -2.95
CA GLU A 222 -26.59 26.72 -1.53
C GLU A 222 -26.52 25.44 -0.69
N ASN A 223 -27.38 24.46 -0.98
CA ASN A 223 -27.35 23.14 -0.31
C ASN A 223 -25.99 22.44 -0.53
N ALA A 224 -25.44 22.56 -1.72
CA ALA A 224 -24.12 21.99 -2.05
C ALA A 224 -22.95 22.74 -1.40
N LEU A 225 -23.02 24.08 -1.37
CA LEU A 225 -21.92 24.93 -0.87
C LEU A 225 -21.94 25.21 0.64
N LYS A 226 -23.13 25.30 1.24
CA LYS A 226 -23.28 25.64 2.67
C LYS A 226 -22.86 24.50 3.59
N HIS A 227 -23.12 23.26 3.17
CA HIS A 227 -22.73 22.07 3.90
C HIS A 227 -21.64 21.31 3.11
N PRO A 228 -20.38 21.76 3.22
CA PRO A 228 -19.26 20.96 2.73
C PRO A 228 -18.65 20.14 3.86
N LYS A 229 -18.21 18.93 3.55
CA LYS A 229 -17.31 18.19 4.43
C LYS A 229 -15.95 18.90 4.38
N TRP A 230 -15.41 19.03 3.16
CA TRP A 230 -14.15 19.72 2.92
C TRP A 230 -14.38 21.09 2.29
N LYS A 231 -13.66 22.10 2.80
CA LYS A 231 -13.74 23.46 2.28
C LYS A 231 -12.81 23.55 1.05
N MET A 232 -13.42 23.77 -0.12
CA MET A 232 -12.69 23.89 -1.39
C MET A 232 -13.46 24.83 -2.33
N GLY A 233 -12.90 25.10 -3.51
CA GLY A 233 -13.50 26.01 -4.49
C GLY A 233 -14.89 25.61 -4.96
N LYS A 234 -15.63 26.58 -5.51
CA LYS A 234 -17.05 26.39 -5.84
C LYS A 234 -17.28 25.36 -6.95
N LYS A 235 -16.46 25.39 -8.00
CA LYS A 235 -16.60 24.48 -9.12
C LYS A 235 -16.47 23.02 -8.66
N ILE A 236 -15.37 22.69 -7.98
CA ILE A 236 -15.17 21.32 -7.48
C ILE A 236 -16.22 20.93 -6.41
N THR A 237 -16.68 21.89 -5.63
CA THR A 237 -17.74 21.63 -4.63
C THR A 237 -19.04 21.18 -5.32
N ILE A 238 -19.41 21.83 -6.42
CA ILE A 238 -20.58 21.41 -7.20
C ILE A 238 -20.34 20.03 -7.83
N ASP A 239 -19.15 19.84 -8.41
CA ASP A 239 -18.77 18.52 -8.98
C ASP A 239 -18.80 17.40 -7.94
N SER A 240 -18.44 17.71 -6.69
CA SER A 240 -18.50 16.72 -5.61
C SER A 240 -19.95 16.35 -5.29
N ALA A 241 -20.83 17.34 -5.34
CA ALA A 241 -22.24 17.14 -5.05
C ALA A 241 -22.94 16.26 -6.08
N THR A 242 -22.62 16.47 -7.37
CA THR A 242 -23.18 15.67 -8.44
C THR A 242 -22.41 14.35 -8.66
N MET A 243 -21.25 14.20 -8.02
CA MET A 243 -20.27 13.12 -8.28
C MET A 243 -19.63 13.17 -9.67
N MET A 244 -19.81 14.25 -10.43
CA MET A 244 -19.06 14.43 -11.68
C MET A 244 -17.57 14.59 -11.36
N ASN A 245 -17.22 15.03 -10.16
CA ASN A 245 -15.81 15.03 -9.78
C ASN A 245 -15.24 13.64 -9.96
N LYS A 246 -15.90 12.66 -9.36
CA LYS A 246 -15.45 11.25 -9.48
C LYS A 246 -15.50 10.75 -10.92
N GLY A 247 -16.52 11.15 -11.67
CA GLY A 247 -16.60 10.81 -13.10
C GLY A 247 -15.38 11.26 -13.88
N LEU A 248 -15.01 12.51 -13.69
CA LEU A 248 -13.79 13.06 -14.32
C LEU A 248 -12.56 12.29 -13.84
N GLU A 249 -12.54 11.94 -12.55
CA GLU A 249 -11.42 11.18 -11.99
C GLU A 249 -11.30 9.74 -12.52
N VAL A 250 -12.43 9.13 -12.92
CA VAL A 250 -12.41 7.82 -13.59
C VAL A 250 -11.63 7.91 -14.91
N ILE A 251 -11.95 8.93 -15.70
CA ILE A 251 -11.27 9.16 -16.97
C ILE A 251 -9.80 9.50 -16.73
N GLU A 252 -9.51 10.33 -15.72
CA GLU A 252 -8.12 10.62 -15.33
C GLU A 252 -7.34 9.33 -14.99
N THR A 253 -7.97 8.44 -14.22
CA THR A 253 -7.40 7.13 -13.87
C THR A 253 -7.05 6.31 -15.12
N HIS A 254 -7.98 6.22 -16.05
CA HIS A 254 -7.78 5.48 -17.29
C HIS A 254 -6.57 6.00 -18.04
N PHE A 255 -6.47 7.32 -18.21
CA PHE A 255 -5.35 7.88 -18.96
C PHE A 255 -4.02 7.78 -18.20
N LEU A 256 -3.99 8.15 -16.93
CA LEU A 256 -2.74 8.12 -16.16
C LEU A 256 -2.12 6.72 -16.08
N PHE A 257 -2.95 5.72 -15.82
CA PHE A 257 -2.49 4.39 -15.47
C PHE A 257 -2.81 3.27 -16.48
N ASP A 258 -3.45 3.62 -17.59
CA ASP A 258 -3.86 2.68 -18.65
C ASP A 258 -4.65 1.50 -18.07
N VAL A 259 -5.68 1.85 -17.28
CA VAL A 259 -6.56 0.87 -16.66
C VAL A 259 -7.88 0.94 -17.43
N ASP A 260 -8.38 -0.22 -17.85
CA ASP A 260 -9.66 -0.32 -18.60
C ASP A 260 -10.81 0.19 -17.72
N TYR A 261 -11.82 0.79 -18.34
CA TYR A 261 -12.98 1.33 -17.58
C TYR A 261 -13.73 0.27 -16.78
N ASN A 262 -13.82 -0.97 -17.30
CA ASN A 262 -14.46 -2.07 -16.56
C ASN A 262 -13.68 -2.50 -15.30
N ASP A 263 -12.42 -2.08 -15.21
CA ASP A 263 -11.57 -2.34 -14.05
C ASP A 263 -11.40 -1.14 -13.10
N ILE A 264 -12.28 -0.15 -13.18
CA ILE A 264 -12.27 1.02 -12.28
C ILE A 264 -13.63 1.05 -11.58
N GLU A 265 -13.59 1.01 -10.26
CA GLU A 265 -14.77 0.98 -9.42
C GLU A 265 -14.77 2.20 -8.51
N VAL A 266 -15.86 2.98 -8.55
CA VAL A 266 -16.05 4.07 -7.60
C VAL A 266 -16.67 3.51 -6.32
N ILE A 267 -16.10 3.87 -5.18
CA ILE A 267 -16.57 3.41 -3.87
C ILE A 267 -16.72 4.63 -2.96
N VAL A 268 -17.88 4.75 -2.32
CA VAL A 268 -18.15 5.87 -1.42
C VAL A 268 -17.60 5.52 -0.03
N HIS A 269 -16.65 6.33 0.43
CA HIS A 269 -15.96 6.17 1.70
C HIS A 269 -16.05 7.50 2.43
N LYS A 270 -17.10 7.66 3.24
CA LYS A 270 -17.42 8.98 3.80
C LYS A 270 -16.38 9.52 4.78
N GLU A 271 -15.58 8.66 5.41
CA GLU A 271 -14.56 9.12 6.37
C GLU A 271 -13.34 9.79 5.73
N CYS A 272 -13.10 9.52 4.45
CA CYS A 272 -12.00 10.12 3.68
C CYS A 272 -10.62 9.87 4.33
N ILE A 273 -10.43 8.68 4.87
CA ILE A 273 -9.14 8.24 5.41
C ILE A 273 -8.37 7.41 4.36
N ILE A 274 -8.99 6.34 3.85
CA ILE A 274 -8.48 5.61 2.70
C ILE A 274 -8.71 6.44 1.43
N HIS A 275 -7.65 6.74 0.71
CA HIS A 275 -7.78 7.68 -0.42
C HIS A 275 -7.92 7.03 -1.79
N SER A 276 -7.56 5.76 -1.88
CA SER A 276 -7.90 4.85 -3.01
C SER A 276 -7.08 3.58 -2.83
N CYS A 277 -7.38 2.56 -3.63
CA CYS A 277 -6.75 1.25 -3.48
C CYS A 277 -6.46 0.63 -4.84
N VAL A 278 -5.40 -0.17 -4.90
CA VAL A 278 -5.00 -0.86 -6.11
C VAL A 278 -5.04 -2.36 -5.85
N GLU A 279 -5.80 -3.06 -6.69
CA GLU A 279 -5.82 -4.53 -6.72
C GLU A 279 -4.81 -4.99 -7.77
N PHE A 280 -3.85 -5.81 -7.36
CA PHE A 280 -2.87 -6.40 -8.27
C PHE A 280 -3.35 -7.74 -8.85
N ILE A 281 -2.61 -8.26 -9.83
CA ILE A 281 -3.05 -9.46 -10.58
C ILE A 281 -3.18 -10.74 -9.73
N ASP A 282 -2.51 -10.79 -8.59
CA ASP A 282 -2.70 -11.89 -7.61
C ASP A 282 -3.93 -11.72 -6.72
N LYS A 283 -4.57 -10.54 -6.80
CA LYS A 283 -5.76 -10.11 -6.02
C LYS A 283 -5.44 -9.53 -4.64
N SER A 284 -4.16 -9.41 -4.30
CA SER A 284 -3.76 -8.65 -3.14
C SER A 284 -4.07 -7.18 -3.41
N VAL A 285 -4.57 -6.48 -2.39
CA VAL A 285 -4.92 -5.06 -2.50
C VAL A 285 -4.04 -4.21 -1.59
N ILE A 286 -3.54 -3.09 -2.13
CA ILE A 286 -2.73 -2.12 -1.40
C ILE A 286 -3.49 -0.78 -1.41
N SER A 287 -3.52 -0.11 -0.27
CA SER A 287 -4.19 1.19 -0.16
C SER A 287 -3.33 2.21 0.56
N GLN A 288 -3.64 3.48 0.32
CA GLN A 288 -2.96 4.58 1.00
C GLN A 288 -3.97 5.32 1.84
N MET A 289 -3.53 5.71 3.04
CA MET A 289 -4.38 6.29 4.08
C MET A 289 -3.71 7.47 4.78
N TYR A 290 -4.51 8.48 5.10
CA TYR A 290 -4.11 9.57 5.98
C TYR A 290 -5.35 10.45 6.25
N TYR A 291 -5.29 11.33 7.24
CA TYR A 291 -6.31 12.38 7.38
C TYR A 291 -6.43 13.17 6.06
N PRO A 292 -7.64 13.68 5.75
CA PRO A 292 -7.73 14.54 4.55
C PRO A 292 -6.80 15.77 4.68
N ASP A 293 -5.86 15.89 3.75
CA ASP A 293 -4.84 16.95 3.80
C ASP A 293 -4.08 16.91 2.49
N MET A 294 -4.22 17.94 1.66
CA MET A 294 -3.57 17.95 0.35
C MET A 294 -2.03 18.05 0.41
N GLN A 295 -1.45 18.32 1.59
CA GLN A 295 0.00 18.39 1.69
C GLN A 295 0.71 17.05 1.38
N ILE A 296 0.10 15.92 1.74
CA ILE A 296 0.72 14.62 1.44
C ILE A 296 0.85 14.35 -0.08
N PRO A 297 -0.26 14.42 -0.84
CA PRO A 297 -0.14 14.25 -2.30
C PRO A 297 0.82 15.22 -2.98
N ILE A 298 0.79 16.50 -2.56
CA ILE A 298 1.71 17.48 -3.12
C ILE A 298 3.16 17.11 -2.79
N LEU A 299 3.43 16.78 -1.53
CA LEU A 299 4.79 16.46 -1.13
C LEU A 299 5.32 15.23 -1.87
N TYR A 300 4.50 14.18 -1.96
CA TYR A 300 4.96 12.97 -2.67
C TYR A 300 5.30 13.25 -4.14
N SER A 301 4.54 14.13 -4.78
CA SER A 301 4.83 14.51 -6.17
C SER A 301 6.22 15.16 -6.31
N LEU A 302 6.66 15.88 -5.28
CA LEU A 302 7.99 16.53 -5.28
C LEU A 302 9.14 15.67 -4.77
N THR A 303 8.84 14.65 -3.97
CA THR A 303 9.89 13.77 -3.42
C THR A 303 10.05 12.46 -4.19
N TRP A 304 8.98 11.97 -4.84
CA TRP A 304 9.01 10.73 -5.63
C TRP A 304 10.31 10.63 -6.45
N PRO A 305 10.97 9.46 -6.43
CA PRO A 305 10.62 8.18 -5.82
C PRO A 305 11.04 7.98 -4.35
N ASP A 306 11.43 9.04 -3.66
N ASP A 306 11.45 9.04 -3.67
CA ASP A 306 11.83 8.98 -2.25
CA ASP A 306 11.80 8.98 -2.24
C ASP A 306 10.73 9.62 -1.39
C ASP A 306 10.68 9.58 -1.38
N ARG A 307 10.87 9.52 -0.07
CA ARG A 307 10.03 10.24 0.90
C ARG A 307 10.95 10.97 1.86
N ILE A 308 10.47 12.06 2.45
CA ILE A 308 11.22 12.85 3.44
C ILE A 308 10.40 13.04 4.72
N LYS A 309 11.08 13.41 5.80
CA LYS A 309 10.43 13.58 7.08
C LYS A 309 9.48 14.79 7.09
N THR A 310 8.33 14.63 7.74
CA THR A 310 7.45 15.75 8.07
C THR A 310 7.11 15.74 9.56
N ASN A 311 6.53 16.84 10.03
CA ASN A 311 6.00 16.94 11.39
C ASN A 311 4.47 16.92 11.40
N LEU A 312 3.84 16.26 10.40
CA LEU A 312 2.38 16.17 10.37
C LEU A 312 1.88 15.25 11.48
N LYS A 313 0.66 15.48 11.93
CA LYS A 313 0.05 14.65 12.98
C LYS A 313 -0.05 13.18 12.53
N PRO A 314 0.46 12.23 13.35
CA PRO A 314 0.33 10.81 12.94
C PRO A 314 -1.12 10.32 12.97
N LEU A 315 -1.48 9.48 12.00
CA LEU A 315 -2.80 8.87 11.92
C LEU A 315 -3.06 7.99 13.15
N ASP A 316 -4.17 8.26 13.84
CA ASP A 316 -4.57 7.51 15.03
C ASP A 316 -5.77 6.62 14.64
N LEU A 317 -5.47 5.41 14.18
CA LEU A 317 -6.51 4.50 13.68
C LEU A 317 -7.53 4.10 14.73
N ALA A 318 -7.08 3.86 15.95
CA ALA A 318 -8.00 3.53 17.03
C ALA A 318 -8.99 4.67 17.27
N GLN A 319 -8.51 5.91 17.23
CA GLN A 319 -9.39 7.07 17.39
C GLN A 319 -10.37 7.19 16.22
N VAL A 320 -9.87 6.97 15.00
CA VAL A 320 -10.74 6.95 13.81
C VAL A 320 -11.86 5.93 13.99
N SER A 321 -11.46 4.71 14.40
CA SER A 321 -12.37 3.66 14.88
C SER A 321 -13.11 2.87 13.80
N THR A 322 -13.75 3.56 12.87
CA THR A 322 -14.62 2.92 11.89
C THR A 322 -14.37 3.51 10.52
N LEU A 323 -14.21 2.62 9.52
CA LEU A 323 -14.16 2.98 8.11
C LEU A 323 -15.29 2.26 7.34
N THR A 324 -15.99 2.98 6.47
CA THR A 324 -17.14 2.42 5.74
C THR A 324 -17.02 2.61 4.24
N PHE A 325 -17.69 1.72 3.51
CA PHE A 325 -17.64 1.67 2.05
C PHE A 325 -18.99 1.25 1.51
N HIS A 326 -19.48 1.93 0.50
CA HIS A 326 -20.66 1.47 -0.23
C HIS A 326 -20.65 1.89 -1.69
N LYS A 327 -21.49 1.22 -2.47
CA LYS A 327 -21.61 1.50 -3.89
C LYS A 327 -22.40 2.80 -4.11
N PRO A 328 -21.95 3.66 -5.05
CA PRO A 328 -22.75 4.84 -5.41
C PRO A 328 -23.96 4.44 -6.25
N SER A 329 -25.08 5.15 -6.08
CA SER A 329 -26.26 4.89 -6.90
C SER A 329 -26.20 5.69 -8.19
N LEU A 330 -26.12 4.99 -9.32
CA LEU A 330 -26.04 5.66 -10.61
C LEU A 330 -27.34 6.36 -11.01
N GLU A 331 -28.48 5.91 -10.48
CA GLU A 331 -29.75 6.60 -10.67
C GLU A 331 -29.72 7.99 -10.01
N HIS A 332 -29.17 8.06 -8.80
CA HIS A 332 -29.09 9.32 -8.03
C HIS A 332 -27.95 10.22 -8.49
N PHE A 333 -26.88 9.61 -9.01
CA PHE A 333 -25.70 10.33 -9.49
C PHE A 333 -25.39 9.96 -10.94
N PRO A 334 -26.29 10.37 -11.86
CA PRO A 334 -26.16 9.99 -13.28
C PRO A 334 -24.91 10.55 -13.97
N CYS A 335 -24.33 11.63 -13.44
CA CYS A 335 -23.04 12.13 -13.94
C CYS A 335 -21.95 11.06 -13.96
N ILE A 336 -21.94 10.15 -12.98
CA ILE A 336 -20.97 9.03 -12.98
C ILE A 336 -21.15 8.13 -14.20
N LYS A 337 -22.39 7.74 -14.47
CA LYS A 337 -22.70 6.91 -15.62
C LYS A 337 -22.28 7.60 -16.92
N LEU A 338 -22.59 8.90 -17.05
CA LEU A 338 -22.23 9.66 -18.26
C LEU A 338 -20.71 9.69 -18.50
N ALA A 339 -19.95 9.81 -17.43
CA ALA A 339 -18.48 9.79 -17.50
C ALA A 339 -17.96 8.45 -17.99
N TYR A 340 -18.49 7.35 -17.44
CA TYR A 340 -18.12 6.03 -17.94
C TYR A 340 -18.50 5.86 -19.42
N GLN A 341 -19.70 6.27 -19.78
CA GLN A 341 -20.16 6.16 -21.19
C GLN A 341 -19.24 6.92 -22.16
N ALA A 342 -18.88 8.16 -21.78
CA ALA A 342 -17.97 8.97 -22.59
C ALA A 342 -16.59 8.37 -22.69
N GLY A 343 -16.06 7.90 -21.56
CA GLY A 343 -14.74 7.29 -21.53
C GLY A 343 -14.68 6.02 -22.37
N ILE A 344 -15.68 5.16 -22.23
CA ILE A 344 -15.75 3.90 -22.98
C ILE A 344 -15.90 4.16 -24.49
N LYS A 345 -16.72 5.16 -24.86
CA LYS A 345 -16.87 5.50 -26.28
C LYS A 345 -15.55 6.06 -26.83
N GLY A 346 -14.76 6.72 -25.99
CA GLY A 346 -13.41 7.12 -26.35
C GLY A 346 -13.43 8.31 -27.29
N ASN A 347 -12.49 8.35 -28.23
CA ASN A 347 -12.39 9.46 -29.17
C ASN A 347 -12.38 10.78 -28.35
N PHE A 348 -13.07 11.83 -28.77
CA PHE A 348 -13.10 13.09 -28.03
C PHE A 348 -14.32 13.25 -27.13
N TYR A 349 -15.03 12.17 -26.85
CA TYR A 349 -16.17 12.26 -25.92
C TYR A 349 -15.78 12.80 -24.52
N PRO A 350 -14.60 12.43 -23.99
CA PRO A 350 -14.18 13.05 -22.71
C PRO A 350 -13.99 14.58 -22.77
N THR A 351 -13.46 15.08 -23.89
CA THR A 351 -13.39 16.53 -24.13
C THR A 351 -14.78 17.17 -24.06
N VAL A 352 -15.74 16.51 -24.71
CA VAL A 352 -17.12 16.97 -24.77
C VAL A 352 -17.76 16.94 -23.38
N LEU A 353 -17.56 15.85 -22.65
CA LEU A 353 -18.06 15.71 -21.27
C LEU A 353 -17.57 16.85 -20.37
N ASN A 354 -16.27 17.09 -20.39
CA ASN A 354 -15.66 18.12 -19.56
C ASN A 354 -16.18 19.53 -19.88
N ALA A 355 -16.30 19.84 -21.18
CA ALA A 355 -16.73 21.15 -21.64
C ALA A 355 -18.19 21.41 -21.30
N SER A 356 -19.05 20.44 -21.59
CA SER A 356 -20.48 20.58 -21.28
C SER A 356 -20.72 20.67 -19.76
N ASN A 357 -19.94 19.92 -18.99
CA ASN A 357 -20.04 20.01 -17.53
C ASN A 357 -19.62 21.40 -17.03
N GLU A 358 -18.59 21.98 -17.65
CA GLU A 358 -18.15 23.33 -17.28
C GLU A 358 -19.32 24.35 -17.32
N ILE A 359 -20.11 24.27 -18.39
CA ILE A 359 -21.30 25.12 -18.54
C ILE A 359 -22.42 24.75 -17.57
N ALA A 360 -22.79 23.47 -17.53
CA ALA A 360 -23.88 22.99 -16.67
C ALA A 360 -23.63 23.27 -15.19
N ASN A 361 -22.41 22.96 -14.73
CA ASN A 361 -21.94 23.27 -13.37
C ASN A 361 -22.15 24.76 -13.04
N ASN A 362 -21.72 25.64 -13.93
CA ASN A 362 -21.84 27.07 -13.69
C ASN A 362 -23.30 27.58 -13.72
N LEU A 363 -24.13 27.01 -14.59
CA LEU A 363 -25.57 27.31 -14.62
C LEU A 363 -26.26 26.92 -13.31
N PHE A 364 -25.92 25.75 -12.78
CA PHE A 364 -26.43 25.30 -11.48
C PHE A 364 -25.93 26.17 -10.35
N LEU A 365 -24.64 26.49 -10.36
CA LEU A 365 -24.03 27.37 -9.36
C LEU A 365 -24.76 28.71 -9.24
N ASN A 366 -25.22 29.25 -10.38
CA ASN A 366 -25.94 30.52 -10.43
C ASN A 366 -27.48 30.38 -10.45
N ASN A 367 -28.00 29.25 -9.98
CA ASN A 367 -29.45 29.00 -9.83
C ASN A 367 -30.27 29.13 -11.12
N LYS A 368 -29.66 28.82 -12.27
CA LYS A 368 -30.34 28.88 -13.57
C LYS A 368 -31.00 27.56 -14.00
N ILE A 369 -30.50 26.44 -13.46
CA ILE A 369 -31.02 25.12 -13.76
C ILE A 369 -31.08 24.30 -12.48
N LYS A 370 -31.73 23.15 -12.58
CA LYS A 370 -31.89 22.22 -11.48
C LYS A 370 -30.87 21.05 -11.56
N TYR A 371 -30.79 20.28 -10.48
CA TYR A 371 -29.80 19.20 -10.33
C TYR A 371 -29.77 18.20 -11.48
N PHE A 372 -30.93 17.65 -11.86
CA PHE A 372 -30.99 16.69 -12.96
C PHE A 372 -30.88 17.33 -14.35
N ASP A 373 -31.03 18.66 -14.43
CA ASP A 373 -30.75 19.38 -15.67
C ASP A 373 -29.26 19.34 -16.02
N ILE A 374 -28.39 19.20 -15.01
CA ILE A 374 -26.94 19.16 -15.23
C ILE A 374 -26.62 17.97 -16.13
N SER A 375 -27.01 16.78 -15.67
CA SER A 375 -26.81 15.53 -16.40
C SER A 375 -27.65 15.50 -17.68
N SER A 376 -28.83 16.12 -17.68
CA SER A 376 -29.63 16.19 -18.90
C SER A 376 -28.90 16.95 -20.02
N ILE A 377 -28.36 18.12 -19.69
CA ILE A 377 -27.62 18.92 -20.66
C ILE A 377 -26.38 18.18 -21.16
N ILE A 378 -25.61 17.61 -20.25
CA ILE A 378 -24.38 16.89 -20.63
C ILE A 378 -24.73 15.73 -21.58
N SER A 379 -25.76 14.95 -21.23
CA SER A 379 -26.20 13.83 -22.04
C SER A 379 -26.56 14.27 -23.46
N GLN A 380 -27.31 15.37 -23.57
CA GLN A 380 -27.73 15.88 -24.89
C GLN A 380 -26.55 16.33 -25.76
N VAL A 381 -25.56 16.98 -25.13
CA VAL A 381 -24.35 17.40 -25.87
C VAL A 381 -23.57 16.17 -26.33
N LEU A 382 -23.37 15.18 -25.45
CA LEU A 382 -22.71 13.92 -25.83
C LEU A 382 -23.41 13.21 -27.00
N GLU A 383 -24.74 13.20 -26.96
CA GLU A 383 -25.52 12.56 -28.06
C GLU A 383 -25.42 13.32 -29.39
N SER A 384 -25.11 14.61 -29.32
CA SER A 384 -24.95 15.46 -30.50
C SER A 384 -23.57 15.38 -31.15
N PHE A 385 -22.59 14.77 -30.47
CA PHE A 385 -21.22 14.76 -30.96
C PHE A 385 -21.00 13.58 -31.89
N ASN A 386 -20.37 13.87 -33.03
CA ASN A 386 -19.95 12.84 -33.97
C ASN A 386 -18.45 12.63 -33.77
N SER A 387 -18.03 11.37 -33.60
CA SER A 387 -16.61 10.99 -33.57
C SER A 387 -15.83 11.57 -34.76
N GLN A 388 -14.59 11.98 -34.50
CA GLN A 388 -13.71 12.57 -35.52
C GLN A 388 -12.40 11.80 -35.60
N LYS A 389 -11.82 11.75 -36.80
CA LYS A 389 -10.52 11.17 -36.98
C LYS A 389 -9.52 11.95 -36.13
N VAL A 390 -8.73 11.24 -35.33
CA VAL A 390 -7.77 11.87 -34.40
C VAL A 390 -6.56 12.29 -35.20
N SER A 391 -6.23 13.58 -35.19
CA SER A 391 -5.09 14.11 -35.95
CA SER A 391 -5.10 14.06 -35.98
C SER A 391 -3.79 13.45 -35.53
N GLU A 392 -2.95 13.10 -36.51
CA GLU A 392 -1.61 12.54 -36.26
C GLU A 392 -0.60 13.62 -35.92
N ASN A 393 -0.87 14.85 -36.34
CA ASN A 393 0.01 16.00 -36.16
C ASN A 393 -0.29 16.63 -34.80
N SER A 394 0.75 16.82 -34.00
CA SER A 394 0.62 17.36 -32.64
C SER A 394 -0.08 18.72 -32.57
N GLU A 395 0.25 19.61 -33.51
CA GLU A 395 -0.35 20.96 -33.51
C GLU A 395 -1.82 20.91 -33.93
N ASP A 396 -2.12 20.09 -34.93
CA ASP A 396 -3.50 19.88 -35.40
C ASP A 396 -4.37 19.24 -34.31
N LEU A 397 -3.78 18.31 -33.55
CA LEU A 397 -4.49 17.64 -32.45
C LEU A 397 -4.90 18.63 -31.36
N MET A 398 -3.97 19.51 -30.96
CA MET A 398 -4.31 20.54 -29.99
C MET A 398 -5.43 21.46 -30.51
N LYS A 399 -5.34 21.87 -31.77
CA LYS A 399 -6.39 22.69 -32.36
C LYS A 399 -7.74 21.96 -32.42
N GLN A 400 -7.70 20.66 -32.70
CA GLN A 400 -8.89 19.80 -32.70
C GLN A 400 -9.55 19.73 -31.31
N ILE A 401 -8.74 19.57 -30.27
CA ILE A 401 -9.23 19.56 -28.89
C ILE A 401 -9.89 20.89 -28.52
N LEU A 402 -9.23 22.00 -28.86
CA LEU A 402 -9.77 23.33 -28.54
C LEU A 402 -11.09 23.61 -29.27
N GLN A 403 -11.15 23.21 -30.55
CA GLN A 403 -12.37 23.38 -31.36
C GLN A 403 -13.55 22.61 -30.77
N ILE A 404 -13.29 21.37 -30.37
CA ILE A 404 -14.33 20.49 -29.79
C ILE A 404 -14.80 21.02 -28.43
N HIS A 405 -13.85 21.41 -27.59
CA HIS A 405 -14.14 22.11 -26.32
C HIS A 405 -15.07 23.30 -26.51
N SER A 406 -14.71 24.19 -27.45
N SER A 406 -14.72 24.20 -27.45
CA SER A 406 -15.49 25.38 -27.76
CA SER A 406 -15.53 25.39 -27.73
C SER A 406 -16.89 25.04 -28.29
C SER A 406 -16.91 25.03 -28.27
N TRP A 407 -16.96 24.07 -29.20
CA TRP A 407 -18.24 23.61 -29.77
C TRP A 407 -19.17 23.09 -28.65
N ALA A 408 -18.63 22.24 -27.78
CA ALA A 408 -19.40 21.62 -26.68
C ALA A 408 -19.92 22.65 -25.67
N LYS A 409 -19.13 23.66 -25.34
CA LYS A 409 -19.61 24.73 -24.49
C LYS A 409 -20.76 25.47 -25.16
N ASP A 410 -20.59 25.78 -26.45
CA ASP A 410 -21.65 26.43 -27.24
C ASP A 410 -22.91 25.60 -27.31
N LYS A 411 -22.77 24.30 -27.58
CA LYS A 411 -23.93 23.41 -27.67
C LYS A 411 -24.68 23.32 -26.33
N ALA A 412 -23.95 23.20 -25.22
CA ALA A 412 -24.57 23.22 -23.89
C ALA A 412 -25.37 24.51 -23.62
N THR A 413 -24.76 25.65 -23.95
CA THR A 413 -25.41 26.96 -23.77
C THR A 413 -26.65 27.12 -24.66
N ASP A 414 -26.61 26.63 -25.90
CA ASP A 414 -27.78 26.68 -26.80
C ASP A 414 -28.95 25.82 -26.29
N ILE A 415 -28.62 24.65 -25.73
CA ILE A 415 -29.62 23.79 -25.09
C ILE A 415 -30.30 24.52 -23.92
N TYR A 416 -29.50 25.14 -23.05
CA TYR A 416 -30.04 25.96 -21.97
C TYR A 416 -30.94 27.09 -22.51
N ASN A 417 -30.46 27.82 -23.52
CA ASN A 417 -31.22 28.95 -24.09
C ASN A 417 -32.54 28.53 -24.74
N LYS A 418 -32.55 27.38 -25.42
CA LYS A 418 -33.78 26.84 -26.02
C LYS A 418 -34.86 26.58 -24.97
N HIS A 419 -34.48 25.86 -23.91
CA HIS A 419 -35.40 25.54 -22.81
C HIS A 419 -35.82 26.76 -21.99
N ASN A 420 -34.94 27.76 -21.88
CA ASN A 420 -35.20 28.95 -21.07
C ASN A 420 -36.20 29.89 -21.77
N PRO B 11 11.45 -20.26 -14.72
CA PRO B 11 10.65 -21.01 -13.74
C PRO B 11 11.20 -20.91 -12.32
N ILE B 12 10.32 -20.93 -11.33
CA ILE B 12 10.71 -20.82 -9.93
C ILE B 12 10.77 -22.23 -9.33
N ASN B 13 11.97 -22.65 -8.93
CA ASN B 13 12.21 -23.98 -8.36
C ASN B 13 12.07 -23.94 -6.83
N VAL B 14 11.06 -24.66 -6.31
N VAL B 14 11.06 -24.64 -6.29
CA VAL B 14 10.66 -24.56 -4.90
CA VAL B 14 10.71 -24.55 -4.88
C VAL B 14 10.74 -25.90 -4.14
C VAL B 14 10.70 -25.87 -4.13
N ALA B 15 11.20 -25.82 -2.89
CA ALA B 15 11.11 -26.93 -1.93
C ALA B 15 10.10 -26.57 -0.87
N ILE B 16 9.29 -27.54 -0.46
CA ILE B 16 8.32 -27.32 0.60
C ILE B 16 8.62 -28.22 1.78
N PHE B 17 9.00 -27.61 2.90
CA PHE B 17 9.28 -28.34 4.14
C PHE B 17 8.04 -28.31 5.03
N GLY B 18 7.49 -29.49 5.27
CA GLY B 18 6.22 -29.65 5.98
C GLY B 18 5.05 -29.57 5.02
N SER B 19 5.12 -30.35 3.95
CA SER B 19 4.17 -30.24 2.84
C SER B 19 2.73 -30.71 3.16
N THR B 20 2.52 -31.45 4.25
CA THR B 20 1.19 -31.90 4.64
C THR B 20 0.60 -31.14 5.84
N GLY B 21 1.32 -30.14 6.35
CA GLY B 21 0.80 -29.20 7.34
C GLY B 21 0.03 -28.05 6.67
N SER B 22 -0.47 -27.13 7.48
CA SER B 22 -1.32 -26.04 6.97
C SER B 22 -0.63 -25.15 5.93
N ILE B 23 0.56 -24.67 6.27
CA ILE B 23 1.32 -23.81 5.34
C ILE B 23 1.65 -24.57 4.06
N GLY B 24 2.11 -25.82 4.20
CA GLY B 24 2.49 -26.63 3.06
C GLY B 24 1.35 -26.93 2.10
N THR B 25 0.19 -27.27 2.65
CA THR B 25 -1.02 -27.55 1.87
C THR B 25 -1.49 -26.30 1.14
N ASN B 26 -1.55 -25.18 1.85
CA ASN B 26 -1.87 -23.89 1.20
C ASN B 26 -0.88 -23.57 0.09
N ALA B 27 0.41 -23.83 0.33
CA ALA B 27 1.44 -23.57 -0.67
C ALA B 27 1.22 -24.40 -1.96
N LEU B 28 0.99 -25.70 -1.81
CA LEU B 28 0.74 -26.55 -2.97
C LEU B 28 -0.58 -26.18 -3.66
N ASN B 29 -1.61 -25.77 -2.91
CA ASN B 29 -2.87 -25.34 -3.54
C ASN B 29 -2.67 -24.13 -4.45
N ILE B 30 -1.98 -23.11 -3.96
CA ILE B 30 -1.78 -21.89 -4.75
C ILE B 30 -0.82 -22.12 -5.92
N ILE B 31 0.20 -22.95 -5.72
CA ILE B 31 1.09 -23.34 -6.82
C ILE B 31 0.29 -24.04 -7.94
N ARG B 32 -0.56 -24.99 -7.55
CA ARG B 32 -1.37 -25.71 -8.53
C ARG B 32 -2.23 -24.74 -9.32
N GLU B 33 -2.94 -23.84 -8.63
CA GLU B 33 -3.84 -22.94 -9.32
C GLU B 33 -3.11 -21.92 -10.21
N CYS B 34 -2.00 -21.37 -9.73
CA CYS B 34 -1.18 -20.47 -10.54
C CYS B 34 -0.57 -21.16 -11.78
N ASN B 35 -0.12 -22.40 -11.62
CA ASN B 35 0.43 -23.18 -12.76
C ASN B 35 -0.61 -23.51 -13.83
N LYS B 36 -1.89 -23.57 -13.46
CA LYS B 36 -2.98 -23.71 -14.45
C LYS B 36 -3.09 -22.50 -15.37
N ILE B 37 -2.74 -21.33 -14.85
CA ILE B 37 -2.83 -20.07 -15.60
C ILE B 37 -1.60 -19.92 -16.48
N GLU B 38 -0.44 -20.21 -15.91
CA GLU B 38 0.84 -20.09 -16.62
C GLU B 38 1.85 -20.97 -15.89
N ASN B 39 2.66 -21.71 -16.62
CA ASN B 39 3.66 -22.60 -16.00
C ASN B 39 4.78 -21.79 -15.36
N VAL B 40 4.69 -21.58 -14.05
CA VAL B 40 5.60 -20.72 -13.29
C VAL B 40 6.49 -21.50 -12.31
N PHE B 41 5.93 -22.50 -11.63
CA PHE B 41 6.61 -23.19 -10.53
C PHE B 41 6.96 -24.64 -10.86
N ASN B 42 8.16 -25.05 -10.48
CA ASN B 42 8.53 -26.47 -10.43
C ASN B 42 8.67 -26.81 -8.97
N VAL B 43 7.85 -27.75 -8.48
CA VAL B 43 8.00 -28.24 -7.12
C VAL B 43 9.12 -29.29 -7.17
N LYS B 44 10.30 -28.94 -6.66
CA LYS B 44 11.49 -29.77 -6.77
C LYS B 44 11.67 -30.75 -5.61
N ALA B 45 11.06 -30.45 -4.47
CA ALA B 45 11.25 -31.23 -3.26
C ALA B 45 10.09 -31.11 -2.29
N LEU B 46 9.72 -32.24 -1.68
CA LEU B 46 8.72 -32.28 -0.63
C LEU B 46 9.28 -33.02 0.58
N TYR B 47 9.07 -32.44 1.76
CA TYR B 47 9.56 -32.99 3.04
C TYR B 47 8.41 -33.03 4.05
N VAL B 48 8.22 -34.20 4.68
CA VAL B 48 7.19 -34.41 5.70
C VAL B 48 7.80 -35.14 6.90
N ASN B 49 7.14 -35.07 8.05
CA ASN B 49 7.54 -35.89 9.21
C ASN B 49 7.17 -37.38 9.02
N LYS B 50 5.87 -37.71 9.10
CA LYS B 50 5.38 -39.10 9.10
C LYS B 50 4.37 -39.48 7.99
N SER B 51 3.64 -38.50 7.47
CA SER B 51 2.46 -38.75 6.63
C SER B 51 2.80 -39.29 5.22
N VAL B 52 3.14 -40.57 5.18
CA VAL B 52 3.64 -41.20 3.96
C VAL B 52 2.60 -41.30 2.82
N ASN B 53 1.36 -41.66 3.16
CA ASN B 53 0.31 -41.80 2.15
C ASN B 53 0.01 -40.46 1.46
N GLU B 54 -0.11 -39.40 2.27
CA GLU B 54 -0.32 -38.05 1.76
C GLU B 54 0.84 -37.57 0.89
N LEU B 55 2.08 -37.85 1.32
CA LEU B 55 3.25 -37.54 0.51
C LEU B 55 3.20 -38.25 -0.85
N TYR B 56 2.81 -39.52 -0.85
CA TYR B 56 2.67 -40.27 -2.10
C TYR B 56 1.69 -39.58 -3.07
N GLU B 57 0.54 -39.15 -2.54
CA GLU B 57 -0.49 -38.49 -3.35
C GLU B 57 0.04 -37.18 -3.94
N GLN B 58 0.81 -36.44 -3.12
CA GLN B 58 1.44 -35.21 -3.56
C GLN B 58 2.52 -35.49 -4.61
N ALA B 59 3.31 -36.54 -4.38
CA ALA B 59 4.31 -36.98 -5.36
C ALA B 59 3.71 -37.35 -6.71
N ARG B 60 2.57 -38.04 -6.71
CA ARG B 60 1.90 -38.43 -7.96
C ARG B 60 1.49 -37.22 -8.79
N GLU B 61 1.05 -36.16 -8.12
CA GLU B 61 0.63 -34.93 -8.80
C GLU B 61 1.79 -34.04 -9.21
N PHE B 62 2.69 -33.73 -8.27
CA PHE B 62 3.74 -32.72 -8.50
C PHE B 62 5.06 -33.29 -9.04
N LEU B 63 5.31 -34.59 -8.85
CA LEU B 63 6.49 -35.28 -9.38
C LEU B 63 7.83 -34.58 -9.04
N PRO B 64 8.06 -34.33 -7.74
CA PRO B 64 9.30 -33.64 -7.35
C PRO B 64 10.52 -34.52 -7.50
N GLU B 65 11.66 -33.90 -7.82
CA GLU B 65 12.94 -34.60 -7.93
C GLU B 65 13.35 -35.25 -6.60
N TYR B 66 13.03 -34.59 -5.49
CA TYR B 66 13.35 -35.08 -4.15
C TYR B 66 12.10 -35.36 -3.33
N LEU B 67 12.12 -36.47 -2.61
CA LEU B 67 11.16 -36.76 -1.54
C LEU B 67 11.97 -37.03 -0.29
N CYS B 68 11.52 -36.50 0.83
CA CYS B 68 12.19 -36.72 2.11
C CYS B 68 11.16 -36.94 3.18
N ILE B 69 11.40 -37.93 4.03
CA ILE B 69 10.54 -38.21 5.16
C ILE B 69 11.42 -38.26 6.41
N HIS B 70 11.00 -37.59 7.48
CA HIS B 70 11.83 -37.53 8.68
C HIS B 70 11.91 -38.89 9.40
N ASP B 71 10.78 -39.58 9.47
CA ASP B 71 10.65 -40.88 10.16
C ASP B 71 11.23 -42.03 9.34
N LYS B 72 12.34 -42.59 9.81
CA LYS B 72 13.01 -43.74 9.17
C LYS B 72 12.10 -44.95 8.94
N SER B 73 11.11 -45.17 9.81
CA SER B 73 10.27 -46.37 9.76
C SER B 73 9.29 -46.44 8.57
N VAL B 74 9.07 -45.33 7.86
CA VAL B 74 8.17 -45.34 6.68
C VAL B 74 8.92 -45.14 5.36
N TYR B 75 10.25 -45.17 5.42
CA TYR B 75 11.10 -44.95 4.26
C TYR B 75 10.89 -46.04 3.19
N GLU B 76 10.90 -47.30 3.61
CA GLU B 76 10.70 -48.43 2.69
C GLU B 76 9.30 -48.44 2.09
N GLU B 77 8.31 -48.02 2.88
CA GLU B 77 6.92 -47.92 2.42
C GLU B 77 6.80 -46.89 1.29
N LEU B 78 7.40 -45.72 1.49
CA LEU B 78 7.44 -44.66 0.50
C LEU B 78 8.08 -45.13 -0.80
N LYS B 79 9.25 -45.76 -0.68
CA LYS B 79 9.97 -46.35 -1.82
C LYS B 79 9.05 -47.25 -2.65
N GLU B 80 8.30 -48.13 -1.98
CA GLU B 80 7.40 -49.08 -2.68
C GLU B 80 6.20 -48.39 -3.35
N LEU B 81 5.60 -47.44 -2.64
CA LEU B 81 4.47 -46.65 -3.17
C LEU B 81 4.84 -45.93 -4.46
N VAL B 82 6.01 -45.31 -4.47
CA VAL B 82 6.45 -44.48 -5.60
C VAL B 82 6.68 -45.27 -6.90
N LYS B 83 6.91 -46.58 -6.80
CA LYS B 83 7.02 -47.45 -7.99
C LYS B 83 5.73 -47.48 -8.83
N ASN B 84 4.59 -47.15 -8.21
CA ASN B 84 3.32 -47.03 -8.93
C ASN B 84 3.21 -45.83 -9.87
N ILE B 85 4.07 -44.83 -9.69
CA ILE B 85 3.98 -43.60 -10.46
C ILE B 85 4.72 -43.81 -11.78
N LYS B 86 4.05 -43.49 -12.88
CA LYS B 86 4.58 -43.70 -14.23
C LYS B 86 5.69 -42.70 -14.55
N ASP B 87 6.76 -43.16 -15.21
CA ASP B 87 7.84 -42.30 -15.72
C ASP B 87 8.45 -41.38 -14.64
N TYR B 88 8.85 -41.98 -13.51
CA TYR B 88 9.23 -41.22 -12.32
C TYR B 88 10.29 -41.93 -11.47
N LYS B 89 11.47 -41.32 -11.35
CA LYS B 89 12.59 -41.87 -10.56
C LYS B 89 13.16 -40.81 -9.61
N PRO B 90 12.45 -40.51 -8.51
CA PRO B 90 12.91 -39.48 -7.59
C PRO B 90 14.02 -39.95 -6.69
N ILE B 91 14.79 -39.00 -6.18
CA ILE B 91 15.75 -39.24 -5.10
C ILE B 91 14.94 -39.26 -3.81
N ILE B 92 14.94 -40.40 -3.12
CA ILE B 92 14.14 -40.58 -1.91
C ILE B 92 15.08 -40.59 -0.71
N LEU B 93 14.82 -39.68 0.23
CA LEU B 93 15.73 -39.38 1.34
C LEU B 93 15.04 -39.51 2.69
N CYS B 94 15.84 -39.41 3.74
CA CYS B 94 15.35 -39.60 5.11
C CYS B 94 16.06 -38.68 6.12
N GLY B 95 15.30 -38.16 7.08
CA GLY B 95 15.84 -37.48 8.26
C GLY B 95 16.46 -36.12 8.04
N ASP B 96 17.20 -35.65 9.05
CA ASP B 96 17.95 -34.38 8.98
C ASP B 96 18.96 -34.37 7.84
N GLU B 97 19.55 -35.54 7.55
CA GLU B 97 20.49 -35.67 6.44
C GLU B 97 19.84 -35.42 5.09
N GLY B 98 18.61 -35.92 4.90
CA GLY B 98 17.86 -35.69 3.67
C GLY B 98 17.50 -34.22 3.48
N MET B 99 17.15 -33.58 4.58
CA MET B 99 16.85 -32.15 4.59
C MET B 99 18.09 -31.30 4.20
N LYS B 100 19.24 -31.63 4.78
CA LYS B 100 20.50 -30.99 4.40
C LYS B 100 20.83 -31.12 2.91
N GLU B 101 20.60 -32.31 2.36
CA GLU B 101 20.84 -32.58 0.95
C GLU B 101 19.92 -31.76 0.04
N ILE B 102 18.64 -31.67 0.40
CA ILE B 102 17.69 -30.83 -0.35
C ILE B 102 18.15 -29.37 -0.36
N CYS B 103 18.46 -28.83 0.82
CA CYS B 103 18.92 -27.42 0.94
C CYS B 103 20.17 -27.11 0.11
N SER B 104 21.07 -28.07 -0.04
CA SER B 104 22.31 -27.84 -0.77
C SER B 104 22.24 -28.12 -2.29
N SER B 105 21.08 -28.54 -2.79
CA SER B 105 20.90 -28.75 -4.24
C SER B 105 20.92 -27.45 -5.04
N ASN B 106 21.70 -27.45 -6.13
CA ASN B 106 21.75 -26.30 -7.04
C ASN B 106 20.49 -26.13 -7.89
N SER B 107 19.59 -27.11 -7.90
CA SER B 107 18.35 -27.00 -8.67
C SER B 107 17.17 -26.42 -7.86
N ILE B 108 17.42 -26.01 -6.61
CA ILE B 108 16.39 -25.40 -5.75
C ILE B 108 16.77 -23.96 -5.42
N ASP B 109 15.85 -23.04 -5.68
CA ASP B 109 16.05 -21.60 -5.45
C ASP B 109 15.40 -21.10 -4.17
N LYS B 110 14.20 -21.61 -3.88
CA LYS B 110 13.39 -21.08 -2.80
C LYS B 110 12.87 -22.21 -1.93
N ILE B 111 12.90 -22.01 -0.62
CA ILE B 111 12.47 -23.02 0.34
C ILE B 111 11.40 -22.44 1.27
N VAL B 112 10.23 -23.10 1.31
CA VAL B 112 9.14 -22.77 2.22
C VAL B 112 9.33 -23.57 3.51
N ILE B 113 9.52 -22.87 4.62
CA ILE B 113 9.66 -23.50 5.94
C ILE B 113 8.31 -23.48 6.62
N GLY B 114 7.61 -24.61 6.55
CA GLY B 114 6.32 -24.79 7.20
C GLY B 114 6.34 -25.85 8.29
N ILE B 115 7.45 -25.90 9.03
CA ILE B 115 7.63 -26.79 10.19
C ILE B 115 7.85 -25.90 11.42
N ASP B 116 7.52 -26.42 12.60
CA ASP B 116 7.74 -25.72 13.88
C ASP B 116 8.99 -26.23 14.63
N SER B 117 9.28 -25.58 15.77
CA SER B 117 10.22 -26.08 16.78
C SER B 117 11.64 -26.34 16.23
N PHE B 118 12.30 -27.44 16.61
CA PHE B 118 13.70 -27.66 16.24
C PHE B 118 13.90 -27.86 14.74
N GLN B 119 13.08 -28.71 14.12
CA GLN B 119 13.17 -29.00 12.68
C GLN B 119 13.03 -27.74 11.83
N GLY B 120 12.18 -26.81 12.29
CA GLY B 120 12.01 -25.51 11.65
C GLY B 120 13.25 -24.64 11.71
N LEU B 121 13.81 -24.48 12.92
CA LEU B 121 15.04 -23.70 13.09
C LEU B 121 16.21 -24.34 12.35
N TYR B 122 16.36 -25.66 12.48
CA TYR B 122 17.44 -26.39 11.78
C TYR B 122 17.34 -26.32 10.27
N SER B 123 16.14 -26.52 9.72
CA SER B 123 15.96 -26.41 8.28
C SER B 123 16.21 -24.98 7.78
N THR B 124 15.74 -24.00 8.54
CA THR B 124 16.02 -22.59 8.24
C THR B 124 17.53 -22.30 8.20
N MET B 125 18.23 -22.76 9.23
CA MET B 125 19.70 -22.62 9.28
C MET B 125 20.39 -23.19 8.03
N TYR B 126 20.06 -24.42 7.66
CA TYR B 126 20.67 -25.03 6.46
C TYR B 126 20.28 -24.33 5.15
N ALA B 127 19.05 -23.83 5.05
CA ALA B 127 18.63 -23.05 3.88
C ALA B 127 19.50 -21.79 3.74
N ILE B 128 19.71 -21.10 4.85
CA ILE B 128 20.52 -19.87 4.86
C ILE B 128 21.98 -20.17 4.55
N MET B 129 22.53 -21.23 5.16
CA MET B 129 23.93 -21.64 4.87
C MET B 129 24.18 -21.94 3.40
N ASN B 130 23.13 -22.36 2.68
CA ASN B 130 23.21 -22.65 1.26
C ASN B 130 22.72 -21.49 0.37
N ASN B 131 22.63 -20.29 0.96
CA ASN B 131 22.36 -19.06 0.22
C ASN B 131 21.03 -19.06 -0.53
N LYS B 132 20.01 -19.69 0.04
CA LYS B 132 18.70 -19.79 -0.59
C LYS B 132 17.80 -18.62 -0.17
N ILE B 133 16.69 -18.46 -0.89
CA ILE B 133 15.59 -17.60 -0.45
C ILE B 133 14.71 -18.49 0.42
N VAL B 134 14.43 -18.01 1.63
CA VAL B 134 13.79 -18.79 2.66
C VAL B 134 12.50 -18.12 3.02
N ALA B 135 11.38 -18.75 2.63
CA ALA B 135 10.02 -18.24 2.93
C ALA B 135 9.63 -18.80 4.28
N LEU B 136 9.74 -17.96 5.31
CA LEU B 136 9.70 -18.43 6.67
C LEU B 136 8.33 -18.17 7.32
N ALA B 137 7.63 -19.25 7.65
CA ALA B 137 6.34 -19.19 8.34
C ALA B 137 6.42 -19.53 9.83
N ASN B 138 7.60 -19.93 10.31
CA ASN B 138 7.80 -20.30 11.72
C ASN B 138 8.30 -19.10 12.53
N LYS B 139 7.37 -18.34 13.09
CA LYS B 139 7.71 -17.11 13.83
C LYS B 139 8.56 -17.37 15.07
N GLU B 140 8.36 -18.52 15.71
CA GLU B 140 9.07 -18.83 16.97
C GLU B 140 10.59 -18.87 16.77
N SER B 141 11.05 -19.25 15.57
CA SER B 141 12.48 -19.25 15.24
C SER B 141 13.12 -17.86 15.25
N ILE B 142 12.39 -16.87 14.72
CA ILE B 142 12.85 -15.48 14.73
C ILE B 142 12.87 -14.95 16.17
N VAL B 143 11.81 -15.21 16.94
CA VAL B 143 11.71 -14.70 18.31
C VAL B 143 12.78 -15.30 19.22
N SER B 144 12.95 -16.62 19.14
CA SER B 144 13.91 -17.35 19.98
C SER B 144 15.36 -17.22 19.50
N ALA B 145 15.58 -17.22 18.18
CA ALA B 145 16.94 -17.31 17.65
C ALA B 145 17.29 -16.17 16.71
N GLY B 146 16.62 -15.02 16.88
CA GLY B 146 16.85 -13.83 16.04
C GLY B 146 18.31 -13.38 15.95
N PHE B 147 19.03 -13.40 17.07
CA PHE B 147 20.46 -13.03 17.06
C PHE B 147 21.28 -13.96 16.17
N PHE B 148 20.95 -15.25 16.23
CA PHE B 148 21.65 -16.27 15.45
C PHE B 148 21.33 -16.15 13.96
N LEU B 149 20.05 -15.96 13.63
CA LEU B 149 19.65 -15.74 12.24
C LEU B 149 20.30 -14.49 11.64
N LYS B 150 20.36 -13.41 12.42
CA LYS B 150 21.01 -12.18 12.01
C LYS B 150 22.49 -12.41 11.67
N LYS B 151 23.18 -13.10 12.58
CA LYS B 151 24.59 -13.45 12.39
C LYS B 151 24.79 -14.30 11.13
N LEU B 152 23.97 -15.33 10.97
CA LEU B 152 24.05 -16.23 9.82
C LEU B 152 23.79 -15.50 8.48
N LEU B 153 22.81 -14.60 8.47
CA LEU B 153 22.50 -13.77 7.28
C LEU B 153 23.58 -12.75 6.96
N ASN B 154 24.36 -12.35 7.96
CA ASN B 154 25.51 -11.49 7.71
C ASN B 154 26.67 -12.24 7.09
N ILE B 155 26.81 -13.53 7.41
CA ILE B 155 27.84 -14.39 6.80
C ILE B 155 27.43 -14.77 5.37
N HIS B 156 26.20 -15.24 5.23
CA HIS B 156 25.69 -15.75 3.95
C HIS B 156 24.92 -14.62 3.26
N LYS B 157 25.66 -13.80 2.51
CA LYS B 157 25.16 -12.51 2.04
C LYS B 157 24.02 -12.62 1.03
N ASN B 158 23.99 -13.71 0.27
CA ASN B 158 22.97 -13.91 -0.75
C ASN B 158 21.71 -14.63 -0.26
N ALA B 159 21.75 -15.19 0.95
CA ALA B 159 20.54 -15.76 1.55
C ALA B 159 19.61 -14.62 1.92
N LYS B 160 18.31 -14.88 1.87
CA LYS B 160 17.30 -13.89 2.25
C LYS B 160 16.14 -14.59 2.96
N ILE B 161 15.68 -14.01 4.08
CA ILE B 161 14.42 -14.42 4.72
C ILE B 161 13.29 -13.55 4.17
N ILE B 162 12.25 -14.17 3.64
CA ILE B 162 11.05 -13.46 3.19
C ILE B 162 9.91 -13.89 4.12
N PRO B 163 9.24 -12.94 4.79
CA PRO B 163 8.20 -13.31 5.76
C PRO B 163 6.93 -13.87 5.13
N VAL B 164 6.42 -14.95 5.73
CA VAL B 164 5.17 -15.59 5.33
C VAL B 164 4.06 -15.31 6.35
N ASP B 165 4.41 -15.11 7.62
CA ASP B 165 3.43 -14.74 8.66
C ASP B 165 2.63 -13.55 8.13
N SER B 166 1.29 -13.63 8.19
CA SER B 166 0.44 -12.78 7.37
C SER B 166 0.62 -11.28 7.58
N GLU B 167 0.84 -10.89 8.83
CA GLU B 167 1.01 -9.48 9.18
C GLU B 167 2.33 -8.96 8.66
N HIS B 168 3.34 -9.83 8.68
CA HIS B 168 4.69 -9.47 8.29
C HIS B 168 4.82 -9.46 6.79
N SER B 169 4.11 -10.38 6.13
CA SER B 169 3.94 -10.29 4.67
C SER B 169 3.23 -8.99 4.26
N ALA B 170 2.18 -8.63 4.97
CA ALA B 170 1.47 -7.39 4.70
C ALA B 170 2.41 -6.19 4.78
N ILE B 171 3.19 -6.13 5.86
CA ILE B 171 4.18 -5.06 6.05
C ILE B 171 5.12 -5.03 4.85
N PHE B 172 5.66 -6.20 4.52
CA PHE B 172 6.60 -6.36 3.42
C PHE B 172 5.99 -5.88 2.09
N GLN B 173 4.73 -6.25 1.84
CA GLN B 173 4.01 -5.81 0.63
C GLN B 173 3.75 -4.29 0.56
N CYS B 174 3.76 -3.62 1.71
CA CYS B 174 3.58 -2.16 1.79
C CYS B 174 4.85 -1.35 1.52
N LEU B 175 5.99 -2.04 1.37
CA LEU B 175 7.28 -1.42 1.16
C LEU B 175 7.62 -1.32 -0.32
N ASP B 176 8.37 -0.28 -0.66
CA ASP B 176 8.83 -0.03 -2.02
C ASP B 176 10.00 -0.96 -2.35
N ASN B 177 9.84 -1.86 -3.35
CA ASN B 177 10.92 -2.80 -3.68
C ASN B 177 12.18 -2.11 -4.22
N ASN B 178 12.04 -0.89 -4.75
CA ASN B 178 13.23 -0.13 -5.13
C ASN B 178 14.13 0.16 -3.90
N LYS B 179 13.51 0.22 -2.71
CA LYS B 179 14.26 0.34 -1.46
C LYS B 179 14.54 -1.02 -0.79
N VAL B 180 13.58 -1.94 -0.80
CA VAL B 180 13.78 -3.27 -0.18
C VAL B 180 14.99 -3.99 -0.80
N LEU B 181 15.14 -3.87 -2.12
CA LEU B 181 16.25 -4.53 -2.84
C LEU B 181 17.65 -4.00 -2.49
N LYS B 182 17.72 -2.87 -1.77
CA LYS B 182 18.98 -2.30 -1.27
C LYS B 182 19.31 -2.75 0.16
N THR B 183 18.48 -3.62 0.71
CA THR B 183 18.66 -4.14 2.04
C THR B 183 18.09 -5.57 2.09
N LYS B 184 17.80 -6.09 3.27
CA LYS B 184 17.09 -7.34 3.40
C LYS B 184 16.59 -7.50 4.82
N CYS B 185 15.60 -8.38 5.01
CA CYS B 185 15.06 -8.62 6.35
C CYS B 185 16.16 -9.08 7.32
N LEU B 186 16.01 -8.67 8.57
CA LEU B 186 16.96 -8.95 9.65
C LEU B 186 18.30 -8.21 9.52
N GLN B 187 18.40 -7.23 8.63
CA GLN B 187 19.63 -6.47 8.45
C GLN B 187 19.48 -5.14 9.18
N ASP B 188 20.53 -4.72 9.88
CA ASP B 188 20.52 -3.43 10.58
C ASP B 188 20.26 -2.32 9.57
N ASN B 189 19.46 -1.33 9.98
CA ASN B 189 19.11 -0.16 9.17
C ASN B 189 18.03 -0.41 8.12
N PHE B 190 17.39 -1.58 8.16
CA PHE B 190 16.28 -1.89 7.23
C PHE B 190 15.21 -0.82 7.27
N SER B 191 14.84 -0.39 8.48
N SER B 191 14.84 -0.38 8.47
CA SER B 191 13.77 0.61 8.65
CA SER B 191 13.78 0.61 8.60
C SER B 191 14.16 1.98 8.09
C SER B 191 14.17 1.99 8.07
N LYS B 192 15.40 2.41 8.34
CA LYS B 192 15.93 3.68 7.80
C LYS B 192 15.94 3.69 6.27
N ILE B 193 16.43 2.61 5.67
CA ILE B 193 16.51 2.53 4.20
C ILE B 193 15.12 2.57 3.55
N ASN B 194 14.12 1.97 4.22
CA ASN B 194 12.74 1.90 3.72
C ASN B 194 11.84 3.08 4.19
N ASN B 195 12.42 4.04 4.90
CA ASN B 195 11.70 5.24 5.35
C ASN B 195 10.53 4.93 6.29
N ILE B 196 10.68 3.86 7.07
CA ILE B 196 9.62 3.43 7.99
C ILE B 196 9.69 4.27 9.26
N ASN B 197 8.54 4.76 9.69
CA ASN B 197 8.40 5.49 10.95
C ASN B 197 7.77 4.63 12.03
N LYS B 198 6.71 3.91 11.68
CA LYS B 198 5.89 3.22 12.65
C LYS B 198 5.09 2.09 11.99
N ILE B 199 4.80 1.03 12.76
CA ILE B 199 4.00 -0.12 12.29
C ILE B 199 2.71 -0.26 13.10
N PHE B 200 1.59 -0.39 12.38
CA PHE B 200 0.34 -0.92 12.92
C PHE B 200 0.25 -2.41 12.66
N LEU B 201 0.33 -3.19 13.74
CA LEU B 201 0.28 -4.64 13.67
C LEU B 201 -1.16 -5.12 13.97
N CYS B 202 -1.87 -5.59 12.95
CA CYS B 202 -3.28 -5.93 13.08
C CYS B 202 -3.49 -7.30 13.76
N SER B 203 -4.52 -7.38 14.60
CA SER B 203 -4.88 -8.62 15.28
C SER B 203 -6.36 -8.87 15.11
N SER B 204 -6.74 -10.14 14.95
CA SER B 204 -8.16 -10.54 14.99
C SER B 204 -8.82 -10.23 16.36
N GLY B 205 -8.00 -10.21 17.42
CA GLY B 205 -8.47 -10.07 18.81
C GLY B 205 -8.71 -11.40 19.49
N GLY B 206 -8.85 -12.47 18.71
CA GLY B 206 -9.11 -13.81 19.23
C GLY B 206 -10.51 -13.97 19.82
N PRO B 207 -10.83 -15.20 20.27
CA PRO B 207 -12.19 -15.51 20.75
C PRO B 207 -12.61 -14.89 22.08
N PHE B 208 -11.65 -14.38 22.87
CA PHE B 208 -11.96 -13.81 24.17
C PHE B 208 -11.97 -12.29 24.20
N GLN B 209 -11.98 -11.65 23.04
CA GLN B 209 -11.78 -10.20 22.95
C GLN B 209 -12.82 -9.34 23.71
N ASN B 210 -14.07 -9.79 23.78
CA ASN B 210 -15.15 -9.02 24.42
C ASN B 210 -15.53 -9.54 25.83
N LEU B 211 -14.75 -10.47 26.38
CA LEU B 211 -15.02 -10.99 27.73
C LEU B 211 -14.64 -10.00 28.81
N THR B 212 -15.41 -9.99 29.90
CA THR B 212 -15.06 -9.24 31.11
C THR B 212 -13.92 -9.95 31.83
N MET B 213 -13.29 -9.24 32.77
CA MET B 213 -12.25 -9.83 33.61
C MET B 213 -12.78 -11.05 34.38
N ASP B 214 -14.00 -10.96 34.89
CA ASP B 214 -14.62 -12.10 35.59
C ASP B 214 -14.84 -13.30 34.65
N GLU B 215 -15.29 -13.06 33.43
CA GLU B 215 -15.46 -14.14 32.44
C GLU B 215 -14.09 -14.73 32.03
N LEU B 216 -13.08 -13.88 31.87
CA LEU B 216 -11.72 -14.37 31.53
C LEU B 216 -11.11 -15.32 32.56
N LYS B 217 -11.38 -15.10 33.84
CA LYS B 217 -10.85 -15.98 34.89
C LYS B 217 -11.22 -17.45 34.67
N ASN B 218 -12.39 -17.70 34.08
CA ASN B 218 -12.97 -19.04 33.91
C ASN B 218 -12.73 -19.75 32.59
N VAL B 219 -12.28 -19.03 31.56
CA VAL B 219 -12.19 -19.61 30.23
C VAL B 219 -11.29 -20.84 30.18
N THR B 220 -11.66 -21.77 29.32
CA THR B 220 -10.94 -23.01 29.13
C THR B 220 -10.47 -23.10 27.69
N SER B 221 -9.58 -24.06 27.43
CA SER B 221 -9.07 -24.31 26.08
C SER B 221 -10.18 -24.75 25.12
N GLU B 222 -11.13 -25.56 25.60
CA GLU B 222 -12.29 -25.97 24.79
C GLU B 222 -13.02 -24.75 24.21
N ASN B 223 -13.21 -23.71 25.03
CA ASN B 223 -13.82 -22.45 24.61
C ASN B 223 -13.03 -21.74 23.50
N ALA B 224 -11.70 -21.74 23.62
CA ALA B 224 -10.83 -21.15 22.60
C ALA B 224 -10.88 -21.94 21.29
N LEU B 225 -10.93 -23.27 21.40
CA LEU B 225 -10.89 -24.14 20.22
C LEU B 225 -12.22 -24.33 19.49
N LYS B 226 -13.34 -24.21 20.20
CA LYS B 226 -14.68 -24.43 19.61
C LYS B 226 -15.23 -23.20 18.88
N HIS B 227 -16.03 -23.46 17.85
CA HIS B 227 -16.64 -22.44 16.98
C HIS B 227 -15.69 -21.29 16.59
N PRO B 228 -14.46 -21.62 16.16
CA PRO B 228 -13.47 -20.56 15.94
C PRO B 228 -13.78 -19.76 14.68
N LYS B 229 -13.38 -18.49 14.66
CA LYS B 229 -13.50 -17.64 13.47
C LYS B 229 -12.66 -18.25 12.35
N TRP B 230 -11.38 -18.53 12.66
CA TRP B 230 -10.47 -19.20 11.73
C TRP B 230 -9.98 -20.55 12.29
N LYS B 231 -10.12 -21.61 11.49
CA LYS B 231 -9.60 -22.93 11.85
C LYS B 231 -8.09 -23.00 11.61
N MET B 232 -7.35 -23.26 12.68
CA MET B 232 -5.88 -23.42 12.63
C MET B 232 -5.43 -24.36 13.75
N GLY B 233 -4.13 -24.65 13.82
CA GLY B 233 -3.56 -25.55 14.84
C GLY B 233 -3.84 -25.13 16.27
N LYS B 234 -3.74 -26.08 17.20
CA LYS B 234 -4.12 -25.84 18.60
C LYS B 234 -3.24 -24.79 19.29
N LYS B 235 -1.93 -24.87 19.07
CA LYS B 235 -0.98 -23.99 19.76
C LYS B 235 -1.21 -22.54 19.38
N ILE B 236 -1.28 -22.25 18.08
CA ILE B 236 -1.56 -20.88 17.63
C ILE B 236 -2.96 -20.41 18.05
N THR B 237 -3.95 -21.31 18.09
CA THR B 237 -5.30 -20.92 18.55
C THR B 237 -5.29 -20.45 20.00
N ILE B 238 -4.53 -21.14 20.85
CA ILE B 238 -4.38 -20.71 22.24
C ILE B 238 -3.61 -19.39 22.32
N ASP B 239 -2.52 -19.25 21.56
CA ASP B 239 -1.80 -17.96 21.49
C ASP B 239 -2.67 -16.80 20.98
N SER B 240 -3.59 -17.06 20.05
CA SER B 240 -4.51 -16.03 19.58
C SER B 240 -5.49 -15.64 20.69
N ALA B 241 -5.90 -16.62 21.48
CA ALA B 241 -6.81 -16.37 22.61
C ALA B 241 -6.20 -15.50 23.71
N THR B 242 -4.91 -15.70 24.01
CA THR B 242 -4.21 -14.92 25.03
C THR B 242 -3.60 -13.63 24.49
N MET B 243 -3.61 -13.51 23.16
CA MET B 243 -2.89 -12.48 22.41
C MET B 243 -1.35 -12.59 22.54
N MET B 244 -0.82 -13.72 23.05
CA MET B 244 0.62 -13.98 22.97
C MET B 244 1.05 -14.19 21.51
N ASN B 245 0.13 -14.57 20.63
CA ASN B 245 0.47 -14.62 19.21
C ASN B 245 0.93 -13.25 18.78
N LYS B 246 0.16 -12.22 19.12
CA LYS B 246 0.53 -10.86 18.74
C LYS B 246 1.79 -10.39 19.47
N GLY B 247 1.95 -10.79 20.73
CA GLY B 247 3.19 -10.48 21.47
C GLY B 247 4.43 -10.99 20.77
N LEU B 248 4.40 -12.25 20.38
CA LEU B 248 5.49 -12.85 19.61
C LEU B 248 5.69 -12.13 18.26
N GLU B 249 4.59 -11.74 17.63
CA GLU B 249 4.65 -11.01 16.37
C GLU B 249 5.24 -9.62 16.45
N VAL B 250 5.11 -8.96 17.62
CA VAL B 250 5.77 -7.69 17.90
C VAL B 250 7.31 -7.87 17.86
N ILE B 251 7.80 -8.90 18.54
CA ILE B 251 9.23 -9.20 18.56
C ILE B 251 9.70 -9.61 17.16
N GLU B 252 8.90 -10.40 16.45
CA GLU B 252 9.17 -10.76 15.06
C GLU B 252 9.33 -9.50 14.16
N THR B 253 8.43 -8.55 14.31
CA THR B 253 8.47 -7.27 13.59
C THR B 253 9.77 -6.51 13.87
N HIS B 254 10.14 -6.45 15.14
CA HIS B 254 11.37 -5.76 15.55
C HIS B 254 12.57 -6.37 14.87
N PHE B 255 12.66 -7.69 14.87
CA PHE B 255 13.82 -8.36 14.29
C PHE B 255 13.82 -8.33 12.76
N LEU B 256 12.69 -8.62 12.13
CA LEU B 256 12.64 -8.62 10.66
C LEU B 256 12.93 -7.26 10.05
N PHE B 257 12.37 -6.20 10.64
CA PHE B 257 12.34 -4.88 10.01
C PHE B 257 13.16 -3.80 10.74
N ASP B 258 13.82 -4.16 11.84
CA ASP B 258 14.58 -3.20 12.65
C ASP B 258 13.76 -1.96 13.05
N VAL B 259 12.56 -2.23 13.55
CA VAL B 259 11.65 -1.19 14.01
C VAL B 259 11.70 -1.20 15.53
N ASP B 260 11.87 -0.02 16.15
CA ASP B 260 11.91 0.10 17.63
C ASP B 260 10.57 -0.31 18.25
N TYR B 261 10.61 -0.88 19.45
CA TYR B 261 9.37 -1.32 20.12
C TYR B 261 8.36 -0.19 20.38
N ASN B 262 8.85 1.02 20.68
CA ASN B 262 7.96 2.18 20.82
C ASN B 262 7.24 2.57 19.52
N ASP B 263 7.73 2.08 18.37
CA ASP B 263 7.13 2.35 17.06
C ASP B 263 6.32 1.18 16.48
N ILE B 264 5.94 0.22 17.33
CA ILE B 264 5.06 -0.90 16.93
C ILE B 264 3.80 -0.80 17.78
N GLU B 265 2.65 -0.64 17.14
CA GLU B 265 1.35 -0.54 17.84
C GLU B 265 0.49 -1.73 17.44
N VAL B 266 -0.01 -2.47 18.43
CA VAL B 266 -0.97 -3.54 18.17
C VAL B 266 -2.37 -2.94 18.06
N ILE B 267 -3.10 -3.31 17.02
CA ILE B 267 -4.44 -2.80 16.77
C ILE B 267 -5.39 -3.97 16.53
N VAL B 268 -6.53 -3.99 17.21
CA VAL B 268 -7.52 -5.06 17.05
C VAL B 268 -8.46 -4.70 15.89
N HIS B 269 -8.42 -5.53 14.86
CA HIS B 269 -9.19 -5.34 13.64
C HIS B 269 -9.98 -6.63 13.40
N LYS B 270 -11.19 -6.67 13.93
CA LYS B 270 -11.92 -7.95 14.03
C LYS B 270 -12.35 -8.56 12.69
N GLU B 271 -12.50 -7.73 11.67
CA GLU B 271 -12.90 -8.19 10.33
C GLU B 271 -11.79 -8.90 9.57
N CYS B 272 -10.53 -8.68 9.97
CA CYS B 272 -9.37 -9.37 9.37
C CYS B 272 -9.28 -9.16 7.85
N ILE B 273 -9.60 -7.95 7.41
CA ILE B 273 -9.40 -7.56 6.00
C ILE B 273 -8.07 -6.81 5.79
N ILE B 274 -7.86 -5.72 6.54
CA ILE B 274 -6.53 -5.07 6.61
C ILE B 274 -5.57 -5.94 7.43
N HIS B 275 -4.44 -6.34 6.85
CA HIS B 275 -3.56 -7.32 7.53
C HIS B 275 -2.40 -6.72 8.31
N SER B 276 -2.08 -5.46 8.00
CA SER B 276 -1.21 -4.58 8.80
C SER B 276 -0.93 -3.32 7.96
N CYS B 277 -0.38 -2.28 8.59
CA CYS B 277 -0.12 -1.00 7.92
C CYS B 277 1.25 -0.46 8.31
N VAL B 278 1.84 0.32 7.40
CA VAL B 278 3.13 0.93 7.61
C VAL B 278 2.97 2.44 7.47
N GLU B 279 3.42 3.17 8.49
CA GLU B 279 3.49 4.63 8.46
C GLU B 279 4.91 5.02 8.07
N PHE B 280 5.04 5.81 7.02
CA PHE B 280 6.35 6.29 6.57
C PHE B 280 6.70 7.62 7.24
N ILE B 281 7.95 8.05 7.05
CA ILE B 281 8.46 9.27 7.73
C ILE B 281 7.72 10.56 7.38
N ASP B 282 7.03 10.61 6.23
CA ASP B 282 6.16 11.74 5.89
C ASP B 282 4.76 11.68 6.52
N LYS B 283 4.47 10.56 7.20
CA LYS B 283 3.19 10.20 7.85
C LYS B 283 2.13 9.62 6.92
N SER B 284 2.44 9.44 5.63
CA SER B 284 1.55 8.68 4.76
C SER B 284 1.55 7.24 5.27
N VAL B 285 0.38 6.60 5.25
CA VAL B 285 0.24 5.22 5.68
C VAL B 285 -0.16 4.35 4.50
N ILE B 286 0.51 3.19 4.34
CA ILE B 286 0.17 2.20 3.29
C ILE B 286 -0.26 0.91 4.01
N SER B 287 -1.32 0.29 3.51
CA SER B 287 -1.82 -0.98 4.08
C SER B 287 -2.04 -2.04 3.01
N GLN B 288 -2.06 -3.30 3.42
CA GLN B 288 -2.38 -4.43 2.53
C GLN B 288 -3.65 -5.09 3.04
N MET B 289 -4.52 -5.42 2.09
CA MET B 289 -5.86 -5.96 2.35
C MET B 289 -6.18 -7.14 1.46
N TYR B 290 -6.87 -8.13 2.04
CA TYR B 290 -7.53 -9.18 1.29
C TYR B 290 -8.44 -9.94 2.28
N TYR B 291 -9.30 -10.83 1.79
CA TYR B 291 -9.96 -11.80 2.66
C TYR B 291 -8.92 -12.60 3.44
N PRO B 292 -9.27 -13.05 4.66
CA PRO B 292 -8.31 -13.91 5.37
C PRO B 292 -8.08 -15.20 4.54
N ASP B 293 -6.84 -15.41 4.13
CA ASP B 293 -6.46 -16.50 3.23
C ASP B 293 -4.94 -16.55 3.15
N MET B 294 -4.33 -17.57 3.75
CA MET B 294 -2.86 -17.68 3.74
C MET B 294 -2.21 -17.88 2.36
N GLN B 295 -3.00 -18.14 1.31
CA GLN B 295 -2.42 -18.30 -0.03
C GLN B 295 -1.72 -17.02 -0.55
N ILE B 296 -2.23 -15.84 -0.20
CA ILE B 296 -1.62 -14.59 -0.66
C ILE B 296 -0.21 -14.38 -0.06
N PRO B 297 -0.06 -14.46 1.27
CA PRO B 297 1.29 -14.29 1.84
C PRO B 297 2.29 -15.36 1.37
N ILE B 298 1.81 -16.60 1.25
CA ILE B 298 2.67 -17.68 0.73
C ILE B 298 3.10 -17.37 -0.71
N LEU B 299 2.14 -17.02 -1.57
CA LEU B 299 2.45 -16.75 -2.95
C LEU B 299 3.42 -15.59 -3.11
N TYR B 300 3.18 -14.50 -2.38
CA TYR B 300 4.08 -13.34 -2.46
C TYR B 300 5.50 -13.74 -2.08
N SER B 301 5.68 -14.57 -1.05
CA SER B 301 7.05 -14.97 -0.65
C SER B 301 7.79 -15.69 -1.79
N LEU B 302 7.04 -16.40 -2.63
CA LEU B 302 7.61 -17.16 -3.76
C LEU B 302 7.75 -16.37 -5.06
N THR B 303 7.02 -15.26 -5.21
CA THR B 303 7.09 -14.43 -6.42
C THR B 303 7.89 -13.15 -6.24
N TRP B 304 8.02 -12.67 -5.00
CA TRP B 304 8.77 -11.45 -4.68
C TRP B 304 10.12 -11.46 -5.44
N PRO B 305 10.50 -10.34 -6.07
CA PRO B 305 9.89 -9.01 -6.11
C PRO B 305 8.78 -8.79 -7.17
N ASP B 306 8.31 -9.86 -7.82
CA ASP B 306 7.24 -9.75 -8.82
CA ASP B 306 7.24 -9.76 -8.84
C ASP B 306 5.93 -10.26 -8.23
N ARG B 307 4.85 -10.13 -9.01
CA ARG B 307 3.57 -10.76 -8.72
C ARG B 307 3.12 -11.54 -9.95
N ILE B 308 2.30 -12.57 -9.73
CA ILE B 308 1.71 -13.36 -10.83
C ILE B 308 0.21 -13.46 -10.73
N LYS B 309 -0.43 -13.85 -11.84
CA LYS B 309 -1.88 -13.92 -11.86
C LYS B 309 -2.43 -15.07 -11.00
N THR B 310 -3.51 -14.81 -10.27
CA THR B 310 -4.29 -15.87 -9.63
C THR B 310 -5.73 -15.78 -10.09
N ASN B 311 -6.49 -16.82 -9.73
CA ASN B 311 -7.94 -16.85 -9.92
C ASN B 311 -8.67 -16.75 -8.58
N LEU B 312 -8.06 -16.10 -7.58
CA LEU B 312 -8.72 -15.89 -6.29
C LEU B 312 -9.87 -14.90 -6.42
N LYS B 313 -10.88 -15.03 -5.55
CA LYS B 313 -12.03 -14.14 -5.53
C LYS B 313 -11.58 -12.70 -5.26
N PRO B 314 -11.95 -11.74 -6.13
CA PRO B 314 -11.61 -10.33 -5.85
C PRO B 314 -12.31 -9.80 -4.60
N LEU B 315 -11.59 -8.97 -3.84
CA LEU B 315 -12.15 -8.32 -2.67
C LEU B 315 -13.33 -7.43 -3.05
N ASP B 316 -14.48 -7.66 -2.41
CA ASP B 316 -15.66 -6.83 -2.61
C ASP B 316 -15.80 -5.89 -1.40
N LEU B 317 -15.17 -4.72 -1.50
CA LEU B 317 -15.15 -3.77 -0.38
C LEU B 317 -16.54 -3.28 0.03
N ALA B 318 -17.40 -3.01 -0.94
CA ALA B 318 -18.78 -2.62 -0.63
C ALA B 318 -19.49 -3.70 0.18
N GLN B 319 -19.29 -4.97 -0.16
CA GLN B 319 -19.92 -6.07 0.58
C GLN B 319 -19.36 -6.21 2.00
N VAL B 320 -18.05 -6.08 2.14
CA VAL B 320 -17.40 -6.07 3.46
C VAL B 320 -18.00 -4.94 4.31
N SER B 321 -18.08 -3.75 3.70
CA SER B 321 -18.89 -2.61 4.17
C SER B 321 -18.29 -1.78 5.32
N THR B 322 -17.80 -2.44 6.36
CA THR B 322 -17.32 -1.76 7.57
C THR B 322 -16.04 -2.42 8.06
N LEU B 323 -15.05 -1.59 8.39
CA LEU B 323 -13.80 -2.01 9.01
C LEU B 323 -13.64 -1.27 10.35
N THR B 324 -13.24 -1.98 11.40
CA THR B 324 -13.09 -1.38 12.73
C THR B 324 -11.73 -1.63 13.33
N PHE B 325 -11.34 -0.71 14.22
CA PHE B 325 -10.02 -0.68 14.86
C PHE B 325 -10.15 -0.21 16.31
N HIS B 326 -9.62 -0.98 17.24
CA HIS B 326 -9.49 -0.52 18.63
C HIS B 326 -8.23 -1.01 19.34
N LYS B 327 -7.91 -0.32 20.44
CA LYS B 327 -6.73 -0.64 21.22
C LYS B 327 -7.04 -1.88 22.07
N PRO B 328 -6.10 -2.84 22.16
CA PRO B 328 -6.28 -3.98 23.05
C PRO B 328 -6.08 -3.59 24.51
N SER B 329 -6.82 -4.21 25.42
CA SER B 329 -6.66 -3.95 26.85
C SER B 329 -5.52 -4.81 27.41
N LEU B 330 -4.51 -4.16 27.97
CA LEU B 330 -3.35 -4.85 28.52
C LEU B 330 -3.68 -5.57 29.85
N GLU B 331 -4.72 -5.13 30.54
CA GLU B 331 -5.20 -5.83 31.75
C GLU B 331 -5.83 -7.18 31.38
N HIS B 332 -6.62 -7.21 30.32
CA HIS B 332 -7.27 -8.43 29.85
C HIS B 332 -6.30 -9.38 29.14
N PHE B 333 -5.30 -8.81 28.46
CA PHE B 333 -4.29 -9.56 27.69
C PHE B 333 -2.88 -9.23 28.15
N PRO B 334 -2.53 -9.63 29.39
CA PRO B 334 -1.21 -9.29 29.93
C PRO B 334 -0.03 -9.88 29.16
N CYS B 335 -0.26 -10.97 28.41
CA CYS B 335 0.79 -11.53 27.54
C CYS B 335 1.39 -10.49 26.56
N ILE B 336 0.58 -9.53 26.10
CA ILE B 336 1.08 -8.48 25.20
C ILE B 336 2.12 -7.64 25.92
N LYS B 337 1.79 -7.22 27.14
CA LYS B 337 2.71 -6.43 27.95
C LYS B 337 4.02 -7.16 28.22
N LEU B 338 3.92 -8.45 28.57
CA LEU B 338 5.10 -9.28 28.82
C LEU B 338 6.02 -9.41 27.59
N ALA B 339 5.41 -9.48 26.41
CA ALA B 339 6.17 -9.54 25.16
C ALA B 339 6.95 -8.26 24.93
N TYR B 340 6.30 -7.09 25.09
CA TYR B 340 6.98 -5.78 24.95
C TYR B 340 8.10 -5.64 25.99
N GLN B 341 7.83 -6.02 27.23
CA GLN B 341 8.86 -5.94 28.27
C GLN B 341 10.08 -6.79 27.95
N ALA B 342 9.84 -8.03 27.52
CA ALA B 342 10.92 -8.93 27.12
C ALA B 342 11.71 -8.40 25.91
N GLY B 343 10.98 -7.91 24.91
CA GLY B 343 11.63 -7.33 23.73
C GLY B 343 12.49 -6.12 24.08
N ILE B 344 11.94 -5.20 24.87
CA ILE B 344 12.64 -3.96 25.26
C ILE B 344 13.86 -4.26 26.13
N LYS B 345 13.73 -5.22 27.05
CA LYS B 345 14.89 -5.65 27.85
C LYS B 345 15.98 -6.27 26.96
N GLY B 346 15.58 -6.96 25.89
CA GLY B 346 16.53 -7.44 24.88
C GLY B 346 17.28 -8.65 25.36
N ASN B 347 18.56 -8.78 24.98
CA ASN B 347 19.37 -9.95 25.31
C ASN B 347 18.59 -11.21 24.91
N PHE B 348 18.59 -12.26 25.73
CA PHE B 348 17.84 -13.47 25.42
C PHE B 348 16.47 -13.52 26.11
N TYR B 349 15.95 -12.40 26.60
CA TYR B 349 14.59 -12.38 27.18
C TYR B 349 13.52 -12.89 26.18
N PRO B 350 13.62 -12.52 24.89
CA PRO B 350 12.67 -13.13 23.93
C PRO B 350 12.75 -14.68 23.83
N THR B 351 13.94 -15.26 23.94
CA THR B 351 14.12 -16.73 23.97
C THR B 351 13.39 -17.33 25.17
N VAL B 352 13.54 -16.65 26.31
CA VAL B 352 12.88 -17.07 27.54
C VAL B 352 11.36 -16.97 27.45
N LEU B 353 10.87 -15.84 26.93
CA LEU B 353 9.44 -15.60 26.70
C LEU B 353 8.81 -16.71 25.84
N ASN B 354 9.46 -17.04 24.73
CA ASN B 354 8.96 -18.06 23.81
C ASN B 354 8.91 -19.43 24.47
N ALA B 355 10.00 -19.79 25.16
CA ALA B 355 10.12 -21.10 25.79
C ALA B 355 9.14 -21.29 26.95
N SER B 356 9.00 -20.27 27.78
CA SER B 356 8.08 -20.32 28.92
C SER B 356 6.62 -20.32 28.44
N ASN B 357 6.33 -19.56 27.38
CA ASN B 357 5.02 -19.64 26.74
C ASN B 357 4.70 -21.01 26.16
N GLU B 358 5.69 -21.68 25.57
CA GLU B 358 5.48 -23.02 25.02
C GLU B 358 4.93 -23.97 26.10
N ILE B 359 5.51 -23.91 27.27
CA ILE B 359 5.04 -24.73 28.39
C ILE B 359 3.68 -24.28 28.91
N ALA B 360 3.52 -22.98 29.17
CA ALA B 360 2.27 -22.45 29.72
C ALA B 360 1.07 -22.64 28.78
N ASN B 361 1.30 -22.42 27.48
CA ASN B 361 0.28 -22.69 26.44
C ASN B 361 -0.20 -24.15 26.52
N ASN B 362 0.74 -25.08 26.54
CA ASN B 362 0.43 -26.51 26.58
C ASN B 362 -0.28 -26.95 27.86
N LEU B 363 0.11 -26.37 29.00
CA LEU B 363 -0.58 -26.62 30.27
C LEU B 363 -2.05 -26.17 30.24
N PHE B 364 -2.30 -24.98 29.71
CA PHE B 364 -3.67 -24.47 29.58
C PHE B 364 -4.46 -25.30 28.55
N LEU B 365 -3.82 -25.65 27.43
CA LEU B 365 -4.44 -26.51 26.41
C LEU B 365 -4.94 -27.84 27.02
N ASN B 366 -4.13 -28.42 27.92
CA ASN B 366 -4.47 -29.67 28.59
C ASN B 366 -5.15 -29.52 29.96
N ASN B 367 -5.70 -28.32 30.22
CA ASN B 367 -6.58 -28.03 31.37
C ASN B 367 -5.87 -28.11 32.73
N LYS B 368 -4.56 -27.88 32.77
CA LYS B 368 -3.79 -27.98 34.02
C LYS B 368 -3.71 -26.65 34.80
N ILE B 369 -3.86 -25.54 34.10
CA ILE B 369 -3.78 -24.20 34.70
C ILE B 369 -4.88 -23.33 34.11
N LYS B 370 -5.15 -22.20 34.75
CA LYS B 370 -6.16 -21.25 34.30
C LYS B 370 -5.56 -20.15 33.40
N TYR B 371 -6.44 -19.35 32.79
CA TYR B 371 -6.05 -18.26 31.87
C TYR B 371 -4.97 -17.31 32.40
N PHE B 372 -5.19 -16.73 33.58
CA PHE B 372 -4.22 -15.79 34.15
C PHE B 372 -2.95 -16.44 34.73
N ASP B 373 -2.96 -17.77 34.91
CA ASP B 373 -1.76 -18.51 35.28
C ASP B 373 -0.74 -18.54 34.14
N ILE B 374 -1.22 -18.41 32.90
CA ILE B 374 -0.32 -18.43 31.74
C ILE B 374 0.68 -17.27 31.85
N SER B 375 0.15 -16.06 31.94
CA SER B 375 0.98 -14.85 32.11
C SER B 375 1.74 -14.82 33.44
N SER B 376 1.12 -15.34 34.51
CA SER B 376 1.83 -15.46 35.78
C SER B 376 3.11 -16.31 35.67
N ILE B 377 3.01 -17.48 35.05
CA ILE B 377 4.16 -18.37 34.86
C ILE B 377 5.23 -17.69 34.00
N ILE B 378 4.81 -17.14 32.86
CA ILE B 378 5.76 -16.49 31.95
C ILE B 378 6.48 -15.33 32.69
N SER B 379 5.71 -14.52 33.39
CA SER B 379 6.25 -13.39 34.16
C SER B 379 7.31 -13.85 35.16
N GLN B 380 7.06 -14.94 35.90
CA GLN B 380 8.03 -15.42 36.91
C GLN B 380 9.31 -15.97 36.28
N VAL B 381 9.19 -16.65 35.15
CA VAL B 381 10.39 -17.18 34.46
C VAL B 381 11.25 -16.02 33.95
N LEU B 382 10.60 -15.01 33.37
CA LEU B 382 11.27 -13.77 32.89
C LEU B 382 11.98 -13.03 34.02
N GLU B 383 11.28 -12.82 35.13
CA GLU B 383 11.90 -12.22 36.34
C GLU B 383 13.08 -13.02 36.87
N SER B 384 13.04 -14.34 36.74
CA SER B 384 14.16 -15.15 37.22
C SER B 384 15.38 -15.12 36.29
N PHE B 385 15.20 -14.90 34.99
CA PHE B 385 16.31 -14.94 34.04
C PHE B 385 17.32 -13.83 34.28
N ASN B 386 18.60 -14.17 34.12
CA ASN B 386 19.68 -13.20 34.21
C ASN B 386 20.38 -13.09 32.87
N SER B 387 20.52 -11.86 32.40
CA SER B 387 21.11 -11.60 31.09
C SER B 387 22.51 -12.21 30.99
N GLN B 388 22.85 -12.69 29.79
CA GLN B 388 24.15 -13.33 29.54
C GLN B 388 24.90 -12.58 28.45
N LYS B 389 26.23 -12.68 28.50
CA LYS B 389 27.06 -12.17 27.40
C LYS B 389 26.73 -12.95 26.13
N VAL B 390 26.44 -12.23 25.05
CA VAL B 390 26.04 -12.84 23.78
C VAL B 390 27.31 -13.37 23.12
N SER B 391 27.32 -14.66 22.80
CA SER B 391 28.49 -15.29 22.18
C SER B 391 28.79 -14.71 20.80
N GLU B 392 30.08 -14.56 20.49
CA GLU B 392 30.53 -14.04 19.21
C GLU B 392 30.54 -15.11 18.12
N ASN B 393 30.94 -16.33 18.47
CA ASN B 393 30.94 -17.46 17.53
C ASN B 393 29.50 -17.95 17.26
N SER B 394 29.18 -18.23 16.00
CA SER B 394 27.81 -18.58 15.61
C SER B 394 27.38 -19.95 16.15
N GLU B 395 28.31 -20.92 16.22
CA GLU B 395 28.03 -22.22 16.82
C GLU B 395 27.84 -22.13 18.34
N ASP B 396 28.68 -21.33 19.00
CA ASP B 396 28.53 -21.02 20.43
C ASP B 396 27.19 -20.31 20.70
N LEU B 397 26.79 -19.42 19.79
CA LEU B 397 25.53 -18.69 19.93
C LEU B 397 24.32 -19.61 19.83
N MET B 398 24.35 -20.52 18.85
CA MET B 398 23.28 -21.52 18.68
C MET B 398 23.14 -22.38 19.94
N LYS B 399 24.27 -22.84 20.48
CA LYS B 399 24.27 -23.64 21.71
C LYS B 399 23.76 -22.87 22.92
N GLN B 400 24.14 -21.59 23.01
CA GLN B 400 23.65 -20.67 24.06
C GLN B 400 22.11 -20.51 24.01
N ILE B 401 21.56 -20.25 22.82
CA ILE B 401 20.10 -20.15 22.65
C ILE B 401 19.36 -21.44 23.05
N LEU B 402 19.86 -22.60 22.61
CA LEU B 402 19.24 -23.88 22.93
C LEU B 402 19.28 -24.17 24.44
N GLN B 403 20.41 -23.84 25.06
CA GLN B 403 20.56 -23.90 26.52
C GLN B 403 19.54 -23.05 27.27
N ILE B 404 19.34 -21.81 26.84
CA ILE B 404 18.43 -20.89 27.51
C ILE B 404 16.98 -21.34 27.31
N HIS B 405 16.68 -21.81 26.10
CA HIS B 405 15.36 -22.37 25.78
C HIS B 405 15.02 -23.54 26.71
N SER B 406 15.96 -24.46 26.87
CA SER B 406 15.79 -25.64 27.72
C SER B 406 15.64 -25.26 29.20
N TRP B 407 16.47 -24.33 29.68
CA TRP B 407 16.34 -23.80 31.06
C TRP B 407 14.96 -23.19 31.32
N ALA B 408 14.48 -22.37 30.39
CA ALA B 408 13.23 -21.64 30.56
C ALA B 408 12.03 -22.60 30.58
N LYS B 409 12.08 -23.66 29.78
CA LYS B 409 11.01 -24.66 29.76
C LYS B 409 10.97 -25.36 31.12
N ASP B 410 12.14 -25.79 31.60
CA ASP B 410 12.27 -26.44 32.90
C ASP B 410 11.87 -25.53 34.07
N LYS B 411 12.26 -24.26 34.01
CA LYS B 411 11.85 -23.28 35.03
C LYS B 411 10.31 -23.13 35.07
N ALA B 412 9.68 -23.02 33.88
CA ALA B 412 8.21 -22.93 33.80
C ALA B 412 7.53 -24.16 34.43
N THR B 413 8.00 -25.34 34.05
CA THR B 413 7.48 -26.60 34.56
C THR B 413 7.67 -26.71 36.09
N ASP B 414 8.81 -26.24 36.59
CA ASP B 414 9.05 -26.18 38.04
C ASP B 414 8.07 -25.31 38.80
N ILE B 415 7.77 -24.14 38.26
CA ILE B 415 6.81 -23.22 38.87
C ILE B 415 5.44 -23.89 38.89
N TYR B 416 5.07 -24.54 37.79
CA TYR B 416 3.83 -25.31 37.74
C TYR B 416 3.79 -26.37 38.86
N ASN B 417 4.86 -27.16 38.97
CA ASN B 417 4.97 -28.22 39.99
C ASN B 417 4.99 -27.68 41.44
N LYS B 418 5.49 -26.45 41.64
CA LYS B 418 5.52 -25.82 42.98
C LYS B 418 4.15 -25.39 43.50
N HIS B 419 3.27 -24.91 42.61
CA HIS B 419 1.92 -24.50 42.97
C HIS B 419 0.88 -25.55 42.50
N ASN B 420 1.27 -26.82 42.59
CA ASN B 420 0.50 -27.93 42.02
C ASN B 420 -0.44 -28.52 43.07
C1 6J8 C . -14.40 15.33 -3.15
C2 6J8 C . -12.89 15.06 -3.09
C3 6J8 C . -12.09 16.31 -3.54
C4 6J8 C . -10.90 15.85 -4.39
O6 6J8 C . -16.65 13.82 -3.17
O7 6J8 C . -15.34 13.89 -5.25
C11 6J8 C . -9.38 16.01 -2.41
C13 6J8 C . -12.47 14.59 -1.66
C14 6J8 C . -12.69 15.69 -0.58
C15 6J8 C . -12.19 15.16 0.79
C16 6J8 C . -10.68 15.14 0.84
C17 6J8 C . -9.97 16.31 0.95
C18 6J8 C . -10.00 13.92 0.76
C23 6J8 C . -5.72 14.02 0.45
O12 6J8 C . -11.10 15.58 -5.56
N9 6J8 C . -9.65 15.69 -3.84
O10 6J8 C . -8.60 15.23 -4.65
P5 6J8 C . -15.25 13.84 -3.74
O8 6J8 C . -14.51 12.63 -3.32
C19 6J8 C . -8.59 16.30 1.00
C21 6J8 C . -7.90 15.10 0.91
O22 6J8 C . -6.52 15.10 0.98
C20 6J8 C . -8.62 13.90 0.80
MN MN D . -9.62 14.15 -6.27
C1 GOL E . -12.55 10.28 -0.53
O1 GOL E . -13.10 9.23 0.29
C2 GOL E . -11.08 10.03 -0.76
O2 GOL E . -10.41 10.07 0.51
C3 GOL E . -10.56 11.08 -1.73
O3 GOL E . -9.13 11.09 -1.74
C1 EDO F . -19.13 2.90 -10.55
O1 EDO F . -18.36 1.93 -9.83
C2 EDO F . -19.58 2.29 -11.86
O2 EDO F . -20.33 1.08 -11.63
C1 EDO G . -12.73 -0.25 -22.06
O1 EDO G . -11.70 0.37 -21.26
C2 EDO G . -13.87 -0.87 -21.23
O2 EDO G . -13.34 -1.58 -20.11
C1 EDO H . -6.15 -2.98 -16.19
O1 EDO H . -7.33 -2.78 -16.98
C2 EDO H . -5.66 -4.40 -16.40
O2 EDO H . -6.52 -5.31 -15.69
C1 EDO I . -8.73 13.02 -25.67
O1 EDO I . -7.96 14.23 -25.62
C2 EDO I . -9.83 13.03 -24.62
O2 EDO I . -11.07 13.34 -25.26
C1 EDO J . -19.88 1.67 -15.76
O1 EDO J . -19.76 1.31 -17.14
C2 EDO J . -21.09 0.99 -15.16
O2 EDO J . -22.26 1.43 -15.86
C1 EDO K . -32.78 21.61 -19.53
O1 EDO K . -32.06 22.83 -19.31
C2 EDO K . -32.26 20.95 -20.80
O2 EDO K . -33.20 19.97 -21.26
C1 EDO L . 7.06 22.60 -31.55
O1 EDO L . 7.27 22.61 -32.97
C2 EDO L . 5.73 23.25 -31.22
O2 EDO L . 4.66 22.57 -31.89
C1 6J8 M . -4.72 -14.70 14.81
C2 6J8 M . -4.07 -14.53 13.44
C3 6J8 M . -3.34 -15.83 13.00
C4 6J8 M . -2.02 -15.46 12.33
O6 6J8 M . -5.65 -13.06 16.75
O7 6J8 M . -4.46 -11.98 14.91
C11 6J8 M . -3.07 -15.66 10.07
C13 6J8 M . -5.12 -14.08 12.37
C14 6J8 M . -6.22 -15.16 12.12
C15 6J8 M . -7.20 -14.68 11.03
C16 6J8 M . -6.53 -14.66 9.67
C17 6J8 M . -6.33 -15.86 8.98
C18 6J8 M . -6.11 -13.47 9.11
C23 6J8 M . -3.79 -13.63 5.53
O12 6J8 M . -1.06 -15.19 13.05
N9 6J8 M . -1.91 -15.35 10.97
O10 6J8 M . -0.70 -14.97 10.39
P5 6J8 M . -4.50 -13.18 15.81
O8 6J8 M . -3.22 -13.27 16.57
C19 6J8 M . -5.70 -15.85 7.75
C21 6J8 M . -5.27 -14.66 7.19
O22 6J8 M . -4.68 -14.68 5.95
C20 6J8 M . -5.49 -13.46 7.87
MN MN N . 0.31 -13.85 12.12
C1 EDO O . 16.43 -13.49 20.91
O1 EDO O . 16.36 -13.86 22.29
C2 EDO O . 17.87 -13.53 20.50
O2 EDO O . 18.18 -14.72 19.76
C1 EDO P . -0.15 -2.33 22.21
O1 EDO P . 0.13 -1.36 21.20
C2 EDO P . 0.20 -1.87 23.62
O2 EDO P . 0.58 -0.48 23.70
C1 EDO Q . 11.47 2.68 13.37
O1 EDO Q . 11.73 2.36 14.74
C2 EDO Q . 12.15 4.00 13.01
O2 EDO Q . 11.27 5.07 13.39
C1 EDO R . 4.24 0.66 -2.18
O1 EDO R . 5.66 0.88 -2.22
C2 EDO R . 4.02 -0.84 -2.29
O2 EDO R . 4.67 -1.32 -3.49
C1 EDO S . -1.49 -22.88 -18.84
O1 EDO S . -0.29 -23.38 -19.43
C2 EDO S . -2.27 -22.01 -19.82
O2 EDO S . -1.41 -21.42 -20.80
C1 EDO T . 31.76 -10.05 6.36
O1 EDO T . 30.81 -8.98 6.46
C2 EDO T . 31.51 -11.07 7.47
O2 EDO T . 31.23 -12.35 6.89
C1 EDO U . 3.83 -28.76 9.95
O1 EDO U . 2.93 -27.97 10.76
C2 EDO U . 3.56 -30.25 10.16
O2 EDO U . 3.86 -30.93 8.93
C1 EDO V . -16.38 -22.21 32.58
O1 EDO V . -15.09 -22.73 32.92
C2 EDO V . -16.84 -22.78 31.24
O2 EDO V . -16.07 -22.18 30.20
#